data_7P2R
#
_entry.id   7P2R
#
_cell.length_a   41.797
_cell.length_b   118.687
_cell.length_c   72.052
_cell.angle_alpha   90.000
_cell.angle_beta   102.790
_cell.angle_gamma   90.000
#
_symmetry.space_group_name_H-M   'P 1 21 1'
#
loop_
_entity.id
_entity.type
_entity.pdbx_description
1 polymer 'Protein arginine N-methyltransferase 6'
2 non-polymer 'methyl 6-[4-[[N-[2-[(2R,3S,4R,5R)-5-(6-aminopurin-9-yl)-3,4-bis(oxidanyl)oxolan-2-yl]ethyl]carbamimidoyl]amino]butylcarbamoylamino]-4-oxidanyl-naphthalene-2-carboxylate'
3 non-polymer S-ADENOSYL-L-HOMOCYSTEINE
4 water water
#
_entity_poly.entity_id   1
_entity_poly.type   'polypeptide(L)'
_entity_poly.pdbx_seq_one_letter_code
;GHMAAPPRPRRTKSERDQLYYESYSDVSVHEEMIADQVRTEAYRLGILKNWAALRGKTVLDVGAGTGILSIFCAQAGARR
VYAVEASAIWQQAREVVRLNGLEDRVHVLPGPVETVELPERVDAIVSEWMGYGLLHESMLSSVLHARTKWLKEGGLLLPA
SAELFVAPISDQMLEWRLGFWSQVKQHYGVDMSCMESFATRCLMGHSEIVVQDLSGEDVLARPQRFAQLELARAGLEQEL
EAGVGGRFRCSCYGSAPLHGFAVWFQVTFPGGDSEKPLVLSTSPLHPATHWKQALLYLNEPVPVEQDTDISGEITLLPSP
DNPRRLRILLRYKVGDHEEKTKDFAMED
;
_entity_poly.pdbx_strand_id   A,B
#
# COMPACT_ATOMS: atom_id res chain seq x y z
N THR A 12 -9.13 15.08 15.83
CA THR A 12 -9.93 16.30 15.79
C THR A 12 -10.00 16.81 14.37
N LYS A 13 -10.75 17.89 14.16
CA LYS A 13 -10.78 18.51 12.84
C LYS A 13 -9.43 19.12 12.50
N SER A 14 -8.77 19.77 13.48
CA SER A 14 -7.42 20.31 13.24
C SER A 14 -6.41 19.20 12.94
N GLU A 15 -6.57 18.03 13.56
CA GLU A 15 -5.75 16.88 13.21
C GLU A 15 -6.05 16.41 11.79
N ARG A 16 -7.33 16.29 11.43
CA ARG A 16 -7.68 15.83 10.09
C ARG A 16 -7.27 16.85 9.04
N ASP A 17 -7.51 18.13 9.29
CA ASP A 17 -7.17 19.16 8.32
C ASP A 17 -5.67 19.25 8.09
N GLN A 18 -4.86 19.12 9.16
CA GLN A 18 -3.42 19.15 8.98
C GLN A 18 -2.93 17.93 8.20
N LEU A 19 -3.51 16.75 8.47
CA LEU A 19 -3.19 15.56 7.69
C LEU A 19 -3.55 15.72 6.22
N TYR A 20 -4.56 16.53 5.92
CA TYR A 20 -5.02 16.68 4.54
C TYR A 20 -4.25 17.75 3.79
N TYR A 21 -3.98 18.85 4.46
CA TYR A 21 -3.05 19.83 3.95
C TYR A 21 -1.74 19.16 3.57
N GLU A 22 -1.13 18.46 4.54
CA GLU A 22 0.14 17.78 4.29
C GLU A 22 0.05 16.82 3.11
N SER A 23 -1.06 16.09 2.99
CA SER A 23 -1.18 15.10 1.92
C SER A 23 -1.21 15.79 0.55
N TYR A 24 -2.15 16.71 0.35
CA TYR A 24 -2.27 17.37 -0.95
C TYR A 24 -1.13 18.35 -1.21
N SER A 25 -0.37 18.75 -0.19
CA SER A 25 0.84 19.54 -0.38
C SER A 25 2.01 18.71 -0.88
N ASP A 26 1.83 17.40 -1.00
CA ASP A 26 2.88 16.47 -1.40
C ASP A 26 2.65 16.00 -2.83
N VAL A 27 3.75 15.73 -3.55
CA VAL A 27 3.66 15.44 -4.99
C VAL A 27 2.91 14.15 -5.26
N SER A 28 2.92 13.21 -4.31
CA SER A 28 2.52 11.84 -4.63
C SER A 28 1.06 11.77 -5.05
N VAL A 29 0.16 12.44 -4.34
CA VAL A 29 -1.25 12.27 -4.68
C VAL A 29 -1.55 12.91 -6.04
N HIS A 30 -0.86 14.01 -6.37
CA HIS A 30 -1.08 14.67 -7.66
C HIS A 30 -0.50 13.85 -8.82
N GLU A 31 0.64 13.20 -8.59
CA GLU A 31 1.16 12.26 -9.56
C GLU A 31 0.15 11.15 -9.87
N GLU A 32 -0.46 10.57 -8.83
CA GLU A 32 -1.48 9.55 -9.06
C GLU A 32 -2.66 10.10 -9.86
N MET A 33 -3.17 11.27 -9.50
CA MET A 33 -4.33 11.77 -10.23
C MET A 33 -4.00 12.08 -11.69
N ILE A 34 -2.80 12.61 -11.96
CA ILE A 34 -2.50 12.97 -13.34
C ILE A 34 -2.07 11.75 -14.16
N ALA A 35 -1.32 10.82 -13.54
CA ALA A 35 -1.04 9.52 -14.14
C ALA A 35 -2.32 8.78 -14.49
N ASP A 36 -3.40 9.01 -13.74
CA ASP A 36 -4.68 8.37 -14.03
C ASP A 36 -5.17 8.91 -15.35
N GLN A 37 -4.78 8.23 -16.43
CA GLN A 37 -5.05 8.73 -17.77
C GLN A 37 -6.54 8.71 -18.11
N VAL A 38 -7.25 7.66 -17.70
CA VAL A 38 -8.72 7.62 -17.87
C VAL A 38 -9.35 8.89 -17.29
N ARG A 39 -8.92 9.29 -16.10
CA ARG A 39 -9.54 10.44 -15.44
C ARG A 39 -9.14 11.74 -16.10
N THR A 40 -7.83 11.94 -16.25
CA THR A 40 -7.33 13.21 -16.77
C THR A 40 -7.79 13.44 -18.20
N GLU A 41 -7.83 12.36 -19.01
CA GLU A 41 -8.28 12.49 -20.39
C GLU A 41 -9.78 12.77 -20.48
N ALA A 42 -10.60 12.10 -19.67
CA ALA A 42 -12.02 12.38 -19.68
C ALA A 42 -12.28 13.85 -19.34
N TYR A 43 -11.63 14.35 -18.29
CA TYR A 43 -11.80 15.75 -17.93
C TYR A 43 -11.34 16.65 -19.06
N ARG A 44 -10.25 16.28 -19.72
CA ARG A 44 -9.79 17.05 -20.86
C ARG A 44 -10.83 17.09 -21.96
N LEU A 45 -11.35 15.93 -22.36
CA LEU A 45 -12.36 15.92 -23.41
C LEU A 45 -13.66 16.56 -22.93
N GLY A 46 -14.05 16.27 -21.67
CA GLY A 46 -15.30 16.81 -21.17
C GLY A 46 -15.31 18.33 -21.16
N ILE A 47 -14.16 18.95 -20.85
CA ILE A 47 -14.05 20.39 -20.84
C ILE A 47 -14.01 20.94 -22.27
N LEU A 48 -13.09 20.41 -23.08
CA LEU A 48 -12.93 20.88 -24.44
C LEU A 48 -14.21 20.69 -25.26
N LYS A 49 -14.96 19.61 -24.98
CA LYS A 49 -16.25 19.37 -25.62
C LYS A 49 -17.25 20.49 -25.35
N ASN A 50 -17.08 21.22 -24.24
CA ASN A 50 -17.99 22.29 -23.86
C ASN A 50 -17.42 23.66 -24.18
N TRP A 51 -16.62 23.75 -25.25
CA TRP A 51 -16.02 25.03 -25.63
C TRP A 51 -17.09 26.09 -25.86
N ALA A 52 -18.21 25.72 -26.49
CA ALA A 52 -19.26 26.71 -26.77
C ALA A 52 -19.77 27.35 -25.49
N ALA A 53 -20.12 26.53 -24.50
CA ALA A 53 -20.49 27.05 -23.18
C ALA A 53 -19.35 27.86 -22.54
N LEU A 54 -18.09 27.50 -22.79
CA LEU A 54 -16.97 28.09 -22.05
C LEU A 54 -16.28 29.21 -22.79
N ARG A 55 -16.49 29.34 -24.10
CA ARG A 55 -15.84 30.39 -24.89
C ARG A 55 -16.15 31.75 -24.30
N GLY A 56 -15.10 32.49 -23.93
CA GLY A 56 -15.23 33.84 -23.44
C GLY A 56 -15.89 33.99 -22.08
N LYS A 57 -16.13 32.89 -21.37
CA LYS A 57 -16.85 32.91 -20.10
C LYS A 57 -15.86 32.78 -18.93
N THR A 58 -16.39 32.87 -17.70
CA THR A 58 -15.55 32.73 -16.52
C THR A 58 -15.79 31.40 -15.82
N VAL A 59 -14.72 30.84 -15.24
CA VAL A 59 -14.71 29.52 -14.63
C VAL A 59 -14.12 29.58 -13.24
N LEU A 60 -14.66 28.75 -12.35
CA LEU A 60 -14.12 28.49 -11.04
C LEU A 60 -13.72 27.03 -10.98
N ASP A 61 -12.45 26.76 -10.69
CA ASP A 61 -11.98 25.40 -10.51
C ASP A 61 -11.89 25.13 -9.00
N VAL A 62 -12.77 24.28 -8.48
CA VAL A 62 -12.80 23.98 -7.05
C VAL A 62 -11.78 22.88 -6.76
N GLY A 63 -10.73 23.22 -6.03
CA GLY A 63 -9.67 22.28 -5.73
C GLY A 63 -8.75 22.07 -6.94
N ALA A 64 -8.13 23.16 -7.38
CA ALA A 64 -7.36 23.14 -8.63
C ALA A 64 -6.13 22.24 -8.60
N GLY A 65 -5.59 21.94 -7.41
CA GLY A 65 -4.37 21.15 -7.32
C GLY A 65 -3.21 21.79 -8.09
N THR A 66 -2.71 21.10 -9.12
CA THR A 66 -1.64 21.65 -9.94
C THR A 66 -2.15 22.56 -11.04
N GLY A 67 -3.47 22.76 -11.15
CA GLY A 67 -4.03 23.67 -12.12
C GLY A 67 -4.28 23.07 -13.48
N ILE A 68 -4.12 21.77 -13.66
CA ILE A 68 -4.22 21.23 -15.00
C ILE A 68 -5.65 21.36 -15.52
N LEU A 69 -6.66 21.32 -14.64
CA LEU A 69 -8.02 21.48 -15.14
C LEU A 69 -8.30 22.93 -15.50
N SER A 70 -7.74 23.87 -14.73
CA SER A 70 -7.94 25.27 -15.09
C SER A 70 -7.29 25.60 -16.43
N ILE A 71 -6.19 24.94 -16.77
CA ILE A 71 -5.52 25.19 -18.04
C ILE A 71 -6.33 24.60 -19.20
N PHE A 72 -6.88 23.40 -19.02
CA PHE A 72 -7.81 22.86 -20.01
C PHE A 72 -8.94 23.84 -20.30
N CYS A 73 -9.48 24.48 -19.26
CA CYS A 73 -10.53 25.46 -19.45
C CYS A 73 -10.05 26.62 -20.29
N ALA A 74 -8.86 27.14 -20.01
CA ALA A 74 -8.32 28.23 -20.81
C ALA A 74 -8.10 27.77 -22.25
N GLN A 75 -7.61 26.55 -22.43
CA GLN A 75 -7.47 25.92 -23.74
C GLN A 75 -8.80 25.76 -24.46
N ALA A 76 -9.90 25.79 -23.72
CA ALA A 76 -11.22 25.62 -24.32
C ALA A 76 -11.86 26.96 -24.65
N GLY A 77 -11.15 28.06 -24.43
CA GLY A 77 -11.65 29.37 -24.78
C GLY A 77 -12.10 30.24 -23.62
N ALA A 78 -11.94 29.79 -22.38
CA ALA A 78 -12.38 30.60 -21.25
C ALA A 78 -11.57 31.88 -21.15
N ARG A 79 -12.26 32.98 -20.87
CA ARG A 79 -11.61 34.27 -20.69
C ARG A 79 -10.95 34.39 -19.33
N ARG A 80 -11.56 33.85 -18.27
CA ARG A 80 -10.98 33.93 -16.95
C ARG A 80 -11.26 32.64 -16.20
N VAL A 81 -10.26 32.18 -15.46
CA VAL A 81 -10.38 31.00 -14.61
C VAL A 81 -9.82 31.36 -13.25
N TYR A 82 -10.61 31.09 -12.21
CA TYR A 82 -10.15 31.20 -10.83
C TYR A 82 -9.87 29.79 -10.35
N ALA A 83 -8.63 29.53 -9.95
CA ALA A 83 -8.17 28.17 -9.66
C ALA A 83 -7.88 28.10 -8.17
N VAL A 84 -8.87 27.63 -7.40
CA VAL A 84 -8.83 27.74 -5.95
C VAL A 84 -8.38 26.43 -5.34
N GLU A 85 -7.35 26.50 -4.49
CA GLU A 85 -6.63 25.34 -4.00
C GLU A 85 -6.17 25.62 -2.58
N ALA A 86 -6.62 24.79 -1.64
CA ALA A 86 -6.41 24.99 -0.21
C ALA A 86 -5.05 24.49 0.31
N SER A 87 -4.41 23.53 -0.34
CA SER A 87 -3.15 23.02 0.17
C SER A 87 -1.96 23.85 -0.36
N ALA A 88 -0.78 23.59 0.20
CA ALA A 88 0.45 24.25 -0.28
C ALA A 88 0.69 24.04 -1.76
N ILE A 89 0.09 23.01 -2.38
CA ILE A 89 0.28 22.80 -3.82
C ILE A 89 -0.17 23.98 -4.66
N TRP A 90 -0.92 24.93 -4.10
CA TRP A 90 -1.26 26.12 -4.88
C TRP A 90 -0.02 26.84 -5.43
N GLN A 91 1.11 26.77 -4.71
CA GLN A 91 2.33 27.44 -5.17
C GLN A 91 2.89 26.78 -6.44
N GLN A 92 2.81 25.45 -6.53
CA GLN A 92 3.27 24.77 -7.72
C GLN A 92 2.35 25.07 -8.90
N ALA A 93 1.03 25.07 -8.65
CA ALA A 93 0.08 25.40 -9.71
C ALA A 93 0.30 26.81 -10.22
N ARG A 94 0.65 27.74 -9.34
CA ARG A 94 0.98 29.07 -9.82
C ARG A 94 2.14 29.03 -10.81
N GLU A 95 3.17 28.25 -10.51
CA GLU A 95 4.28 28.11 -11.44
C GLU A 95 3.86 27.39 -12.71
N VAL A 96 2.99 26.38 -12.59
CA VAL A 96 2.52 25.65 -13.79
C VAL A 96 1.74 26.59 -14.71
N VAL A 97 0.92 27.47 -14.12
CA VAL A 97 0.16 28.43 -14.93
C VAL A 97 1.11 29.43 -15.60
N ARG A 98 2.12 29.91 -14.87
CA ARG A 98 3.04 30.87 -15.44
C ARG A 98 3.84 30.23 -16.58
N LEU A 99 4.20 28.95 -16.40
CA LEU A 99 5.05 28.26 -17.37
C LEU A 99 4.39 28.18 -18.73
N ASN A 100 3.08 27.92 -18.76
CA ASN A 100 2.29 27.80 -19.97
C ASN A 100 1.78 29.14 -20.47
N GLY A 101 2.30 30.23 -19.92
CA GLY A 101 1.92 31.56 -20.34
C GLY A 101 0.46 31.89 -20.11
N LEU A 102 -0.10 31.45 -18.98
CA LEU A 102 -1.53 31.61 -18.73
C LEU A 102 -1.89 32.47 -17.50
N GLU A 103 -0.92 33.08 -16.81
CA GLU A 103 -1.26 33.78 -15.56
C GLU A 103 -2.11 35.04 -15.76
N ASP A 104 -2.35 35.47 -16.99
CA ASP A 104 -3.28 36.57 -17.20
C ASP A 104 -4.73 36.12 -17.23
N ARG A 105 -4.97 34.86 -17.56
CA ARG A 105 -6.31 34.30 -17.66
C ARG A 105 -6.65 33.37 -16.51
N VAL A 106 -5.69 32.57 -16.07
CA VAL A 106 -5.84 31.66 -14.94
C VAL A 106 -5.21 32.30 -13.72
N HIS A 107 -6.00 32.51 -12.68
CA HIS A 107 -5.55 33.06 -11.41
C HIS A 107 -5.62 31.98 -10.35
N VAL A 108 -4.46 31.52 -9.90
CA VAL A 108 -4.43 30.57 -8.78
C VAL A 108 -4.59 31.35 -7.49
N LEU A 109 -5.60 31.01 -6.72
CA LEU A 109 -5.89 31.61 -5.43
C LEU A 109 -5.75 30.54 -4.37
N PRO A 110 -4.99 30.79 -3.31
CA PRO A 110 -4.83 29.78 -2.26
C PRO A 110 -6.02 29.75 -1.31
N GLY A 111 -6.28 28.58 -0.74
CA GLY A 111 -7.16 28.46 0.40
C GLY A 111 -8.47 27.78 0.10
N PRO A 112 -9.32 27.66 1.12
CA PRO A 112 -10.59 26.97 0.92
C PRO A 112 -11.50 27.75 -0.02
N VAL A 113 -12.23 27.02 -0.87
CA VAL A 113 -13.20 27.69 -1.71
C VAL A 113 -14.31 28.31 -0.87
N GLU A 114 -14.51 27.84 0.36
CA GLU A 114 -15.59 28.33 1.20
C GLU A 114 -15.37 29.77 1.62
N THR A 115 -14.10 30.20 1.75
CA THR A 115 -13.77 31.57 2.19
C THR A 115 -13.10 32.42 1.11
N VAL A 116 -12.86 31.88 -0.09
CA VAL A 116 -12.27 32.70 -1.13
C VAL A 116 -13.22 33.82 -1.50
N GLU A 117 -12.67 34.93 -1.95
CA GLU A 117 -13.46 36.03 -2.52
C GLU A 117 -13.06 36.17 -3.98
N LEU A 118 -14.01 35.94 -4.84
CA LEU A 118 -13.75 36.17 -6.24
C LEU A 118 -14.11 37.61 -6.57
N PRO A 119 -13.52 38.17 -7.62
CA PRO A 119 -13.95 39.50 -8.08
C PRO A 119 -15.36 39.49 -8.64
N GLU A 120 -15.90 38.33 -8.98
CA GLU A 120 -17.13 38.23 -9.75
C GLU A 120 -17.71 36.82 -9.55
N ARG A 121 -19.00 36.67 -9.83
CA ARG A 121 -19.57 35.33 -9.97
C ARG A 121 -19.14 34.74 -11.32
N VAL A 122 -19.31 33.43 -11.48
CA VAL A 122 -18.74 32.74 -12.64
C VAL A 122 -19.82 32.08 -13.48
N ASP A 123 -19.47 31.83 -14.75
CA ASP A 123 -20.35 31.14 -15.69
C ASP A 123 -20.31 29.63 -15.53
N ALA A 124 -19.24 29.09 -14.96
CA ALA A 124 -19.08 27.65 -14.94
C ALA A 124 -18.18 27.24 -13.78
N ILE A 125 -18.45 26.06 -13.24
CA ILE A 125 -17.60 25.43 -12.24
C ILE A 125 -17.11 24.10 -12.80
N VAL A 126 -15.81 23.87 -12.71
CA VAL A 126 -15.19 22.58 -12.99
C VAL A 126 -14.59 22.08 -11.69
N SER A 127 -14.77 20.81 -11.38
CA SER A 127 -14.09 20.24 -10.23
C SER A 127 -13.92 18.74 -10.40
N GLU A 128 -12.82 18.23 -9.87
CA GLU A 128 -12.57 16.81 -9.70
C GLU A 128 -12.53 16.57 -8.20
N TRP A 129 -13.68 16.18 -7.68
CA TRP A 129 -13.94 16.16 -6.24
C TRP A 129 -14.24 14.76 -5.69
N MET A 130 -14.18 13.71 -6.53
CA MET A 130 -14.72 12.41 -6.14
C MET A 130 -13.72 11.59 -5.32
N GLY A 131 -14.17 11.09 -4.16
CA GLY A 131 -13.39 10.18 -3.36
C GLY A 131 -13.71 8.72 -3.63
N TYR A 132 -13.05 7.84 -2.88
CA TYR A 132 -13.35 6.41 -2.96
C TYR A 132 -14.81 6.14 -2.63
N GLY A 133 -15.40 5.21 -3.35
CA GLY A 133 -16.83 5.01 -3.20
C GLY A 133 -17.62 6.29 -3.41
N LEU A 134 -17.09 7.21 -4.24
CA LEU A 134 -17.66 8.51 -4.56
C LEU A 134 -17.51 9.51 -3.42
N LEU A 135 -18.01 9.17 -2.23
CA LEU A 135 -18.26 10.17 -1.20
C LEU A 135 -17.34 10.10 0.00
N HIS A 136 -16.38 9.18 0.03
CA HIS A 136 -15.42 9.16 1.12
C HIS A 136 -14.43 10.30 0.91
N GLU A 137 -14.22 11.10 1.96
CA GLU A 137 -13.33 12.24 1.87
C GLU A 137 -13.90 13.30 0.93
N SER A 138 -15.21 13.38 0.77
CA SER A 138 -15.72 14.06 -0.41
C SER A 138 -15.52 15.57 -0.35
N MET A 139 -15.00 16.12 -1.43
CA MET A 139 -15.09 17.56 -1.66
C MET A 139 -16.46 17.99 -2.21
N LEU A 140 -17.46 17.10 -2.20
CA LEU A 140 -18.76 17.45 -2.78
C LEU A 140 -19.35 18.68 -2.12
N SER A 141 -19.28 18.75 -0.78
CA SER A 141 -19.90 19.86 -0.09
C SER A 141 -19.22 21.17 -0.44
N SER A 142 -17.90 21.13 -0.65
CA SER A 142 -17.18 22.31 -1.16
C SER A 142 -17.71 22.71 -2.54
N VAL A 143 -17.99 21.74 -3.40
CA VAL A 143 -18.47 22.10 -4.74
C VAL A 143 -19.89 22.67 -4.65
N LEU A 144 -20.75 22.03 -3.88
CA LEU A 144 -22.10 22.56 -3.72
C LEU A 144 -22.08 23.95 -3.08
N HIS A 145 -21.16 24.19 -2.15
CA HIS A 145 -21.03 25.52 -1.55
C HIS A 145 -20.60 26.56 -2.56
N ALA A 146 -19.65 26.22 -3.41
CA ALA A 146 -19.22 27.16 -4.44
C ALA A 146 -20.32 27.37 -5.46
N ARG A 147 -21.07 26.31 -5.79
CA ARG A 147 -22.16 26.46 -6.73
C ARG A 147 -23.15 27.53 -6.26
N THR A 148 -23.61 27.39 -5.03
CA THR A 148 -24.59 28.34 -4.48
C THR A 148 -24.04 29.76 -4.42
N LYS A 149 -22.79 29.92 -3.97
CA LYS A 149 -22.25 31.26 -3.70
C LYS A 149 -21.72 31.94 -4.97
N TRP A 150 -21.09 31.19 -5.87
CA TRP A 150 -20.34 31.83 -6.94
C TRP A 150 -20.87 31.56 -8.32
N LEU A 151 -21.64 30.51 -8.53
CA LEU A 151 -22.12 30.22 -9.87
C LEU A 151 -23.34 31.09 -10.19
N LYS A 152 -23.33 31.67 -11.38
CA LYS A 152 -24.47 32.43 -11.87
C LYS A 152 -25.68 31.52 -12.07
N GLU A 153 -26.86 32.15 -12.12
CA GLU A 153 -28.09 31.47 -12.48
C GLU A 153 -27.93 30.72 -13.79
N GLY A 154 -28.25 29.44 -13.78
CA GLY A 154 -28.14 28.64 -14.99
C GLY A 154 -26.73 28.31 -15.43
N GLY A 155 -25.71 28.69 -14.65
CA GLY A 155 -24.33 28.38 -15.00
C GLY A 155 -24.07 26.90 -15.15
N LEU A 156 -22.86 26.60 -15.63
CA LEU A 156 -22.49 25.28 -16.07
C LEU A 156 -21.67 24.55 -15.00
N LEU A 157 -21.95 23.26 -14.82
CA LEU A 157 -21.24 22.45 -13.87
C LEU A 157 -20.58 21.30 -14.60
N LEU A 158 -19.26 21.16 -14.42
CA LEU A 158 -18.45 20.13 -15.06
C LEU A 158 -17.70 19.31 -14.02
N PRO A 159 -17.97 18.01 -13.88
CA PRO A 159 -19.06 17.24 -14.50
C PRO A 159 -20.42 17.67 -13.98
N ALA A 160 -21.51 17.32 -14.68
CA ALA A 160 -22.83 17.77 -14.28
C ALA A 160 -23.47 16.87 -13.25
N SER A 161 -23.01 15.63 -13.15
CA SER A 161 -23.72 14.65 -12.37
C SER A 161 -22.82 13.47 -12.12
N ALA A 162 -23.22 12.66 -11.15
CA ALA A 162 -22.59 11.39 -10.81
C ALA A 162 -23.68 10.35 -10.67
N GLU A 163 -23.32 9.12 -10.99
CA GLU A 163 -24.22 7.99 -10.83
C GLU A 163 -23.49 6.91 -10.07
N LEU A 164 -24.20 6.25 -9.16
CA LEU A 164 -23.65 5.17 -8.34
C LEU A 164 -24.24 3.85 -8.82
N PHE A 165 -23.40 2.82 -8.80
CA PHE A 165 -23.72 1.49 -9.32
C PHE A 165 -23.33 0.46 -8.28
N VAL A 166 -24.12 -0.61 -8.19
CA VAL A 166 -23.76 -1.76 -7.36
C VAL A 166 -23.87 -3.01 -8.20
N ALA A 167 -23.03 -4.00 -7.88
CA ALA A 167 -23.07 -5.32 -8.51
C ALA A 167 -22.61 -6.42 -7.55
N PRO A 168 -23.26 -7.57 -7.54
CA PRO A 168 -22.72 -8.71 -6.78
C PRO A 168 -21.45 -9.23 -7.44
N ILE A 169 -20.53 -9.73 -6.63
CA ILE A 169 -19.20 -10.07 -7.14
C ILE A 169 -18.72 -11.43 -6.63
N SER A 170 -17.96 -12.12 -7.48
CA SER A 170 -17.17 -13.26 -7.04
C SER A 170 -15.73 -12.89 -7.34
N ASP A 171 -15.05 -12.39 -6.31
CA ASP A 171 -13.72 -11.79 -6.45
C ASP A 171 -12.70 -12.92 -6.59
N GLN A 172 -12.14 -13.07 -7.79
CA GLN A 172 -11.21 -14.15 -8.06
C GLN A 172 -9.95 -14.02 -7.23
N MET A 173 -9.49 -12.79 -6.99
CA MET A 173 -8.31 -12.62 -6.17
C MET A 173 -8.59 -13.07 -4.74
N LEU A 174 -9.75 -12.72 -4.20
CA LEU A 174 -10.12 -13.17 -2.87
C LEU A 174 -10.23 -14.68 -2.81
N GLU A 175 -10.81 -15.28 -3.87
CA GLU A 175 -10.92 -16.72 -3.93
C GLU A 175 -9.55 -17.37 -3.79
N TRP A 176 -8.56 -16.83 -4.49
CA TRP A 176 -7.21 -17.36 -4.50
C TRP A 176 -6.54 -17.24 -3.14
N ARG A 177 -6.78 -16.14 -2.42
CA ARG A 177 -6.27 -16.01 -1.06
C ARG A 177 -6.98 -16.97 -0.11
N LEU A 178 -8.28 -17.18 -0.32
CA LEU A 178 -8.96 -18.15 0.53
C LEU A 178 -8.46 -19.56 0.24
N GLY A 179 -8.32 -19.92 -1.03
CA GLY A 179 -7.86 -21.27 -1.30
C GLY A 179 -6.37 -21.47 -1.15
N PHE A 180 -5.62 -20.42 -0.84
CA PHE A 180 -4.16 -20.49 -0.80
C PHE A 180 -3.69 -21.57 0.16
N TRP A 181 -4.30 -21.61 1.35
CA TRP A 181 -3.90 -22.52 2.40
C TRP A 181 -4.16 -23.96 2.02
N SER A 182 -5.17 -24.21 1.20
CA SER A 182 -5.43 -25.54 0.67
C SER A 182 -4.40 -25.97 -0.37
N GLN A 183 -3.60 -25.04 -0.88
CA GLN A 183 -2.60 -25.32 -1.90
C GLN A 183 -1.19 -25.39 -1.34
N VAL A 184 -1.02 -25.27 -0.02
CA VAL A 184 0.34 -25.29 0.53
C VAL A 184 0.95 -26.68 0.37
N LYS A 185 0.16 -27.73 0.60
CA LYS A 185 0.68 -29.10 0.61
C LYS A 185 1.26 -29.49 -0.74
N GLN A 186 0.51 -29.25 -1.82
CA GLN A 186 1.02 -29.54 -3.15
C GLN A 186 2.34 -28.83 -3.41
N HIS A 187 2.55 -27.66 -2.79
CA HIS A 187 3.77 -26.88 -3.00
C HIS A 187 4.89 -27.34 -2.06
N TYR A 188 4.57 -27.52 -0.78
CA TYR A 188 5.60 -27.66 0.24
C TYR A 188 5.45 -28.92 1.08
N GLY A 189 4.39 -29.68 0.91
CA GLY A 189 4.25 -30.91 1.65
C GLY A 189 3.57 -30.77 2.99
N VAL A 190 3.26 -29.55 3.41
CA VAL A 190 2.59 -29.32 4.69
C VAL A 190 1.13 -29.00 4.42
N ASP A 191 0.24 -29.83 4.98
CA ASP A 191 -1.19 -29.59 4.90
C ASP A 191 -1.54 -28.41 5.79
N MET A 192 -2.17 -27.39 5.19
CA MET A 192 -2.60 -26.21 5.94
C MET A 192 -4.04 -25.81 5.62
N SER A 193 -4.83 -26.76 5.11
CA SER A 193 -6.21 -26.49 4.75
C SER A 193 -7.09 -26.17 5.96
N CYS A 194 -6.65 -26.46 7.18
CA CYS A 194 -7.39 -26.04 8.37
C CYS A 194 -7.37 -24.52 8.58
N MET A 195 -6.50 -23.80 7.86
CA MET A 195 -6.41 -22.36 7.94
C MET A 195 -7.54 -21.64 7.19
N GLU A 196 -8.26 -22.33 6.30
CA GLU A 196 -9.22 -21.65 5.42
C GLU A 196 -10.29 -20.92 6.21
N SER A 197 -10.87 -21.57 7.22
CA SER A 197 -11.90 -20.90 8.01
C SER A 197 -11.34 -19.64 8.65
N PHE A 198 -10.11 -19.72 9.15
CA PHE A 198 -9.51 -18.60 9.84
C PHE A 198 -9.22 -17.45 8.88
N ALA A 199 -8.82 -17.78 7.64
CA ALA A 199 -8.52 -16.74 6.66
C ALA A 199 -9.80 -16.04 6.21
N THR A 200 -10.88 -16.80 6.09
CA THR A 200 -12.16 -16.18 5.73
C THR A 200 -12.58 -15.17 6.78
N ARG A 201 -12.47 -15.54 8.06
CA ARG A 201 -12.82 -14.59 9.11
C ARG A 201 -11.98 -13.31 9.01
N CYS A 202 -10.69 -13.45 8.74
CA CYS A 202 -9.84 -12.26 8.65
C CYS A 202 -10.20 -11.42 7.44
N LEU A 203 -10.25 -12.04 6.27
CA LEU A 203 -10.40 -11.31 5.02
C LEU A 203 -11.84 -10.88 4.76
N MET A 204 -12.82 -11.56 5.36
CA MET A 204 -14.23 -11.25 5.12
C MET A 204 -15.03 -10.87 6.36
N GLY A 205 -14.65 -11.33 7.56
CA GLY A 205 -15.46 -11.06 8.73
C GLY A 205 -15.40 -9.66 9.31
N HIS A 206 -14.57 -8.79 8.76
CA HIS A 206 -14.52 -7.40 9.20
C HIS A 206 -15.68 -6.62 8.60
N SER A 207 -15.86 -5.39 9.10
CA SER A 207 -16.88 -4.46 8.61
C SER A 207 -16.28 -3.27 7.90
N GLU A 208 -15.13 -3.44 7.26
CA GLU A 208 -14.45 -2.37 6.56
C GLU A 208 -14.79 -2.39 5.07
N ILE A 209 -14.86 -1.21 4.47
CA ILE A 209 -14.93 -1.10 3.02
C ILE A 209 -13.53 -1.30 2.47
N VAL A 210 -13.38 -2.19 1.50
CA VAL A 210 -12.09 -2.46 0.90
C VAL A 210 -12.02 -1.84 -0.48
N VAL A 211 -10.97 -1.06 -0.71
CA VAL A 211 -10.73 -0.43 -2.01
C VAL A 211 -9.81 -1.33 -2.82
N GLN A 212 -10.36 -1.96 -3.86
CA GLN A 212 -9.63 -2.90 -4.69
C GLN A 212 -10.16 -2.88 -6.12
N ASP A 213 -9.23 -3.06 -7.07
CA ASP A 213 -9.54 -3.27 -8.48
C ASP A 213 -10.17 -4.64 -8.71
N LEU A 214 -11.26 -4.66 -9.48
CA LEU A 214 -11.87 -5.88 -10.00
C LEU A 214 -11.89 -5.84 -11.53
N SER A 215 -12.15 -7.01 -12.12
CA SER A 215 -12.33 -7.12 -13.57
C SER A 215 -13.74 -7.63 -13.85
N GLY A 216 -14.11 -7.64 -15.13
CA GLY A 216 -15.41 -8.16 -15.52
C GLY A 216 -15.62 -9.59 -15.11
N GLU A 217 -14.54 -10.37 -15.01
CA GLU A 217 -14.68 -11.74 -14.54
C GLU A 217 -15.20 -11.82 -13.11
N ASP A 218 -15.23 -10.71 -12.38
CA ASP A 218 -15.65 -10.73 -10.98
C ASP A 218 -17.13 -10.41 -10.82
N VAL A 219 -17.76 -9.85 -11.84
CA VAL A 219 -19.10 -9.27 -11.76
C VAL A 219 -20.08 -10.41 -12.00
N LEU A 220 -20.82 -10.77 -10.96
CA LEU A 220 -21.74 -11.90 -10.94
C LEU A 220 -23.12 -11.59 -11.52
N ALA A 221 -23.45 -10.33 -11.78
CA ALA A 221 -24.76 -10.01 -12.33
C ALA A 221 -24.71 -8.62 -12.95
N ARG A 222 -25.77 -8.31 -13.69
CA ARG A 222 -25.88 -7.03 -14.36
C ARG A 222 -25.74 -5.90 -13.35
N PRO A 223 -24.78 -5.00 -13.53
CA PRO A 223 -24.63 -3.85 -12.62
C PRO A 223 -25.90 -2.99 -12.57
N GLN A 224 -26.35 -2.65 -11.35
CA GLN A 224 -27.56 -1.87 -11.11
C GLN A 224 -27.19 -0.46 -10.63
N ARG A 225 -27.52 0.55 -11.43
CA ARG A 225 -27.49 1.93 -10.95
C ARG A 225 -28.57 2.12 -9.88
N PHE A 226 -28.16 2.57 -8.70
CA PHE A 226 -29.08 2.79 -7.59
C PHE A 226 -29.20 4.25 -7.16
N ALA A 227 -28.39 5.15 -7.67
CA ALA A 227 -28.56 6.54 -7.28
C ALA A 227 -27.91 7.43 -8.33
N GLN A 228 -28.39 8.67 -8.37
CA GLN A 228 -27.90 9.72 -9.25
C GLN A 228 -27.79 11.01 -8.45
N LEU A 229 -26.72 11.77 -8.71
CA LEU A 229 -26.47 13.06 -8.06
C LEU A 229 -26.41 14.13 -9.14
N GLU A 230 -27.37 15.05 -9.14
CA GLU A 230 -27.43 16.13 -10.11
C GLU A 230 -26.92 17.37 -9.44
N LEU A 231 -25.69 17.74 -9.76
CA LEU A 231 -24.99 18.79 -9.01
C LEU A 231 -25.75 20.11 -9.05
N ALA A 232 -26.42 20.41 -10.16
CA ALA A 232 -27.16 21.66 -10.33
C ALA A 232 -28.42 21.80 -9.45
N ARG A 233 -28.84 20.75 -8.72
CA ARG A 233 -30.06 20.84 -7.91
C ARG A 233 -29.75 21.51 -6.56
N ALA A 234 -30.36 22.67 -6.32
CA ALA A 234 -30.27 23.27 -4.99
C ALA A 234 -31.04 22.42 -3.97
N GLY A 235 -30.55 22.40 -2.74
CA GLY A 235 -31.17 21.50 -1.78
C GLY A 235 -30.81 20.04 -1.97
N LEU A 236 -29.91 19.74 -2.91
CA LEU A 236 -29.23 18.46 -2.89
C LEU A 236 -28.49 18.24 -1.58
N GLU A 237 -28.02 19.32 -0.95
CA GLU A 237 -27.17 19.18 0.25
C GLU A 237 -27.88 18.42 1.36
N GLN A 238 -29.21 18.51 1.42
CA GLN A 238 -29.94 17.85 2.50
C GLN A 238 -29.94 16.33 2.32
N GLU A 239 -29.96 15.86 1.08
CA GLU A 239 -29.93 14.42 0.80
C GLU A 239 -28.60 13.81 1.21
N LEU A 240 -27.52 14.59 1.14
CA LEU A 240 -26.17 14.08 1.42
C LEU A 240 -26.01 13.65 2.87
N GLU A 241 -26.58 14.41 3.80
CA GLU A 241 -26.41 14.12 5.22
C GLU A 241 -27.31 12.98 5.68
N ALA A 242 -28.52 12.87 5.11
CA ALA A 242 -29.44 11.79 5.43
C ALA A 242 -29.11 10.47 4.71
N GLY A 243 -28.44 10.52 3.57
CA GLY A 243 -28.09 9.29 2.89
C GLY A 243 -28.30 9.32 1.39
N VAL A 244 -27.24 9.08 0.64
CA VAL A 244 -27.33 8.82 -0.78
C VAL A 244 -27.47 7.33 -0.94
N GLY A 245 -28.56 6.89 -1.55
CA GLY A 245 -28.82 5.46 -1.47
C GLY A 245 -29.87 5.07 -2.48
N GLY A 246 -30.18 3.78 -2.47
CA GLY A 246 -31.23 3.28 -3.33
C GLY A 246 -31.31 1.78 -3.18
N ARG A 247 -32.31 1.21 -3.85
CA ARG A 247 -32.62 -0.21 -3.79
C ARG A 247 -32.26 -0.88 -5.11
N PHE A 248 -32.01 -2.18 -5.07
CA PHE A 248 -31.59 -2.88 -6.27
C PHE A 248 -32.12 -4.30 -6.30
N ARG A 249 -32.11 -4.88 -7.51
CA ARG A 249 -32.45 -6.32 -7.71
C ARG A 249 -31.72 -6.79 -8.97
N CYS A 250 -31.17 -8.00 -8.97
CA CYS A 250 -30.48 -8.59 -10.08
C CYS A 250 -30.54 -10.10 -9.93
N SER A 251 -30.09 -10.80 -10.99
CA SER A 251 -30.14 -12.25 -11.08
C SER A 251 -28.77 -12.72 -11.54
N CYS A 252 -28.22 -13.71 -10.83
CA CYS A 252 -26.82 -14.05 -11.04
C CYS A 252 -26.61 -14.65 -12.42
N TYR A 253 -25.41 -14.43 -12.95
CA TYR A 253 -25.07 -14.90 -14.29
C TYR A 253 -24.87 -16.42 -14.34
N GLY A 254 -24.41 -17.00 -13.24
CA GLY A 254 -24.01 -18.38 -13.26
C GLY A 254 -23.67 -18.83 -11.87
N SER A 255 -22.93 -19.92 -11.79
CA SER A 255 -22.56 -20.50 -10.51
C SER A 255 -21.22 -19.93 -10.08
N ALA A 256 -21.13 -19.59 -8.80
CA ALA A 256 -19.93 -19.03 -8.20
C ALA A 256 -20.19 -18.80 -6.73
N PRO A 257 -19.15 -18.68 -5.91
CA PRO A 257 -19.35 -18.15 -4.56
C PRO A 257 -19.55 -16.65 -4.63
N LEU A 258 -20.59 -16.17 -3.96
CA LEU A 258 -20.89 -14.75 -3.89
C LEU A 258 -20.12 -14.17 -2.72
N HIS A 259 -19.20 -13.24 -2.99
CA HIS A 259 -18.40 -12.68 -1.90
C HIS A 259 -18.99 -11.42 -1.30
N GLY A 260 -19.84 -10.72 -2.03
CA GLY A 260 -20.48 -9.52 -1.60
C GLY A 260 -20.80 -8.66 -2.82
N PHE A 261 -20.53 -7.37 -2.70
CA PHE A 261 -20.93 -6.39 -3.68
C PHE A 261 -19.78 -5.41 -3.91
N ALA A 262 -19.72 -4.87 -5.12
CA ALA A 262 -18.79 -3.83 -5.50
C ALA A 262 -19.61 -2.57 -5.74
N VAL A 263 -19.14 -1.44 -5.22
CA VAL A 263 -19.78 -0.15 -5.46
C VAL A 263 -18.80 0.73 -6.20
N TRP A 264 -19.28 1.37 -7.26
CA TRP A 264 -18.48 2.30 -8.02
C TRP A 264 -19.42 3.36 -8.59
N PHE A 265 -18.84 4.33 -9.28
CA PHE A 265 -19.55 5.50 -9.77
C PHE A 265 -19.04 5.87 -11.16
N GLN A 266 -19.84 6.67 -11.84
CA GLN A 266 -19.38 7.45 -12.98
C GLN A 266 -19.81 8.91 -12.79
N VAL A 267 -19.15 9.81 -13.52
CA VAL A 267 -19.59 11.19 -13.62
C VAL A 267 -19.73 11.53 -15.11
N THR A 268 -20.60 12.49 -15.41
CA THR A 268 -21.08 12.76 -16.76
C THR A 268 -20.96 14.25 -17.04
N PHE A 269 -20.26 14.61 -18.13
CA PHE A 269 -20.14 15.97 -18.62
C PHE A 269 -21.21 16.25 -19.68
N PRO A 270 -21.85 17.46 -19.70
CA PRO A 270 -22.84 17.80 -20.73
C PRO A 270 -22.28 17.76 -22.16
N GLY A 271 -23.13 17.39 -23.14
CA GLY A 271 -22.68 17.22 -24.53
C GLY A 271 -22.29 18.53 -25.19
N GLY A 272 -23.25 19.45 -25.32
CA GLY A 272 -23.00 20.76 -25.96
C GLY A 272 -22.84 20.63 -27.46
N ASP A 273 -21.59 20.48 -27.94
CA ASP A 273 -21.31 20.41 -29.39
C ASP A 273 -21.77 19.08 -30.00
N SER A 274 -21.45 17.96 -29.36
CA SER A 274 -21.76 16.63 -29.94
C SER A 274 -23.14 16.13 -29.50
N GLU A 275 -23.65 16.60 -28.35
CA GLU A 275 -24.95 16.18 -27.78
C GLU A 275 -24.83 14.79 -27.13
N LYS A 276 -23.85 13.99 -27.54
CA LYS A 276 -23.59 12.69 -26.85
C LYS A 276 -22.85 12.99 -25.56
N PRO A 277 -23.28 12.46 -24.39
CA PRO A 277 -22.66 12.81 -23.11
C PRO A 277 -21.40 12.00 -22.76
N LEU A 278 -20.30 12.70 -22.50
CA LEU A 278 -19.08 12.01 -22.12
C LEU A 278 -19.18 11.52 -20.67
N VAL A 279 -18.84 10.26 -20.46
CA VAL A 279 -18.91 9.63 -19.15
C VAL A 279 -17.50 9.24 -18.75
N LEU A 280 -17.11 9.58 -17.53
CA LEU A 280 -15.95 9.02 -16.86
C LEU A 280 -16.41 7.91 -15.92
N SER A 281 -15.94 6.69 -16.17
CA SER A 281 -16.42 5.47 -15.51
C SER A 281 -15.36 4.93 -14.58
N THR A 282 -15.78 4.37 -13.44
CA THR A 282 -14.88 3.59 -12.60
C THR A 282 -15.37 2.16 -12.47
N SER A 283 -16.18 1.71 -13.43
CA SER A 283 -16.71 0.36 -13.41
C SER A 283 -15.60 -0.65 -13.69
N PRO A 284 -15.67 -1.83 -13.06
CA PRO A 284 -14.68 -2.88 -13.35
C PRO A 284 -14.76 -3.39 -14.78
N LEU A 285 -15.84 -3.08 -15.50
CA LEU A 285 -15.98 -3.43 -16.90
C LEU A 285 -15.29 -2.45 -17.83
N HIS A 286 -14.74 -1.37 -17.28
CA HIS A 286 -14.17 -0.31 -18.10
C HIS A 286 -12.72 -0.16 -17.65
N PRO A 287 -11.90 0.62 -18.36
CA PRO A 287 -10.48 0.70 -17.98
C PRO A 287 -10.29 1.15 -16.54
N ALA A 288 -9.21 0.67 -15.93
CA ALA A 288 -8.96 0.95 -14.54
C ALA A 288 -8.73 2.44 -14.31
N THR A 289 -9.03 2.88 -13.09
CA THR A 289 -8.73 4.22 -12.57
C THR A 289 -8.20 4.02 -11.16
N HIS A 290 -7.64 5.07 -10.59
CA HIS A 290 -7.14 4.99 -9.24
C HIS A 290 -8.25 4.89 -8.19
N TRP A 291 -9.50 5.13 -8.58
CA TRP A 291 -10.59 4.94 -7.62
C TRP A 291 -10.88 3.47 -7.38
N LYS A 292 -10.51 2.60 -8.32
CA LYS A 292 -10.81 1.19 -8.21
C LYS A 292 -12.30 1.01 -7.93
N GLN A 293 -12.64 0.14 -6.98
CA GLN A 293 -14.01 -0.07 -6.54
C GLN A 293 -14.04 -0.26 -5.03
N ALA A 294 -15.18 0.06 -4.43
CA ALA A 294 -15.38 -0.14 -3.01
C ALA A 294 -16.03 -1.51 -2.82
N LEU A 295 -15.35 -2.42 -2.15
CA LEU A 295 -15.86 -3.78 -1.99
C LEU A 295 -16.53 -3.92 -0.64
N LEU A 296 -17.66 -4.62 -0.63
CA LEU A 296 -18.49 -4.85 0.55
C LEU A 296 -18.63 -6.35 0.69
N TYR A 297 -17.72 -6.96 1.44
CA TYR A 297 -17.65 -8.40 1.60
C TYR A 297 -18.65 -8.90 2.64
N LEU A 298 -19.34 -9.97 2.30
CA LEU A 298 -20.11 -10.69 3.32
C LEU A 298 -19.17 -11.38 4.30
N ASN A 299 -19.73 -11.74 5.46
CA ASN A 299 -18.94 -12.43 6.48
C ASN A 299 -18.31 -13.71 5.95
N GLU A 300 -18.98 -14.38 5.02
CA GLU A 300 -18.45 -15.61 4.44
C GLU A 300 -19.04 -15.81 3.05
N PRO A 301 -18.37 -16.54 2.17
CA PRO A 301 -18.93 -16.80 0.84
C PRO A 301 -20.29 -17.50 0.93
N VAL A 302 -21.16 -17.16 -0.01
CA VAL A 302 -22.48 -17.76 -0.14
C VAL A 302 -22.61 -18.33 -1.54
N PRO A 303 -22.81 -19.64 -1.70
CA PRO A 303 -22.94 -20.21 -3.05
C PRO A 303 -24.25 -19.79 -3.69
N VAL A 304 -24.19 -19.50 -4.99
CA VAL A 304 -25.33 -19.12 -5.81
C VAL A 304 -25.16 -19.76 -7.17
N GLU A 305 -26.28 -19.86 -7.89
CA GLU A 305 -26.24 -20.43 -9.25
C GLU A 305 -26.90 -19.50 -10.24
N GLN A 306 -27.11 -19.99 -11.46
CA GLN A 306 -27.71 -19.16 -12.49
C GLN A 306 -29.12 -18.75 -12.07
N ASP A 307 -29.40 -17.44 -12.21
CA ASP A 307 -30.69 -16.83 -11.95
C ASP A 307 -31.06 -16.77 -10.47
N THR A 308 -30.14 -17.13 -9.57
CA THR A 308 -30.33 -16.79 -8.14
C THR A 308 -30.65 -15.31 -7.98
N ASP A 309 -31.69 -15.03 -7.21
CA ASP A 309 -32.16 -13.67 -7.02
C ASP A 309 -31.38 -13.03 -5.89
N ILE A 310 -31.03 -11.76 -6.07
CA ILE A 310 -30.31 -10.98 -5.06
C ILE A 310 -30.87 -9.57 -5.06
N SER A 311 -31.27 -9.09 -3.88
CA SER A 311 -31.94 -7.82 -3.76
C SER A 311 -31.52 -7.15 -2.44
N GLY A 312 -31.74 -5.85 -2.35
CA GLY A 312 -31.52 -5.17 -1.09
C GLY A 312 -31.38 -3.66 -1.26
N GLU A 313 -30.87 -3.03 -0.22
CA GLU A 313 -30.76 -1.59 -0.16
C GLU A 313 -29.36 -1.22 0.28
N ILE A 314 -28.84 -0.15 -0.31
CA ILE A 314 -27.50 0.34 -0.03
C ILE A 314 -27.63 1.82 0.22
N THR A 315 -27.10 2.27 1.36
CA THR A 315 -27.14 3.69 1.70
C THR A 315 -25.73 4.14 2.04
N LEU A 316 -25.22 5.12 1.30
CA LEU A 316 -23.98 5.78 1.68
C LEU A 316 -24.32 6.88 2.69
N LEU A 317 -23.64 6.84 3.83
CA LEU A 317 -23.85 7.74 4.95
C LEU A 317 -22.52 8.30 5.42
N PRO A 318 -22.54 9.41 6.15
CA PRO A 318 -21.34 9.80 6.90
C PRO A 318 -21.25 8.97 8.17
N SER A 319 -20.03 8.75 8.62
CA SER A 319 -19.86 8.06 9.89
C SER A 319 -20.17 9.02 11.03
N PRO A 320 -20.74 8.52 12.13
CA PRO A 320 -21.06 9.42 13.25
C PRO A 320 -19.85 10.11 13.85
N ASP A 321 -18.72 9.42 13.99
CA ASP A 321 -17.54 10.04 14.57
C ASP A 321 -16.90 11.05 13.63
N ASN A 322 -16.93 10.79 12.33
CA ASN A 322 -16.27 11.60 11.33
C ASN A 322 -17.24 11.82 10.17
N PRO A 323 -17.59 13.06 9.85
CA PRO A 323 -18.51 13.30 8.73
C PRO A 323 -17.86 13.08 7.37
N ARG A 324 -16.53 13.15 7.28
CA ARG A 324 -15.83 12.92 6.02
C ARG A 324 -15.57 11.44 5.75
N ARG A 325 -15.80 10.56 6.72
CA ARG A 325 -15.51 9.15 6.57
C ARG A 325 -16.77 8.42 6.09
N LEU A 326 -16.65 7.73 4.95
CA LEU A 326 -17.81 7.08 4.33
C LEU A 326 -18.21 5.84 5.12
N ARG A 327 -19.49 5.77 5.42
CA ARG A 327 -20.17 4.60 5.97
C ARG A 327 -21.21 4.14 4.96
N ILE A 328 -21.39 2.83 4.84
CA ILE A 328 -22.35 2.25 3.91
C ILE A 328 -23.14 1.20 4.65
N LEU A 329 -24.47 1.33 4.63
CA LEU A 329 -25.35 0.34 5.21
C LEU A 329 -25.86 -0.52 4.06
N LEU A 330 -25.60 -1.82 4.16
CA LEU A 330 -26.05 -2.79 3.18
C LEU A 330 -27.08 -3.71 3.81
N ARG A 331 -28.27 -3.73 3.23
CA ARG A 331 -29.31 -4.68 3.56
C ARG A 331 -29.47 -5.54 2.32
N TYR A 332 -29.50 -6.86 2.49
CA TYR A 332 -29.46 -7.70 1.30
C TYR A 332 -30.08 -9.07 1.57
N LYS A 333 -30.47 -9.72 0.47
CA LYS A 333 -31.16 -11.01 0.50
C LYS A 333 -30.74 -11.80 -0.73
N VAL A 334 -30.23 -13.01 -0.51
CA VAL A 334 -29.67 -13.88 -1.54
C VAL A 334 -30.63 -15.05 -1.72
N GLY A 335 -31.37 -15.05 -2.82
CA GLY A 335 -32.29 -16.16 -3.05
C GLY A 335 -33.25 -16.32 -1.89
N ASP A 336 -33.36 -17.56 -1.37
CA ASP A 336 -34.30 -17.87 -0.30
C ASP A 336 -33.72 -17.64 1.09
N HIS A 337 -32.44 -17.31 1.21
CA HIS A 337 -31.90 -17.01 2.52
C HIS A 337 -32.65 -15.83 3.11
N GLU A 338 -32.60 -15.73 4.43
CA GLU A 338 -33.18 -14.61 5.15
C GLU A 338 -32.40 -13.33 4.87
N GLU A 339 -33.12 -12.20 4.89
CA GLU A 339 -32.48 -10.90 4.71
C GLU A 339 -31.42 -10.68 5.79
N LYS A 340 -30.28 -10.15 5.38
CA LYS A 340 -29.22 -9.79 6.33
C LYS A 340 -28.79 -8.35 6.11
N THR A 341 -28.11 -7.80 7.11
CA THR A 341 -27.54 -6.47 7.00
C THR A 341 -26.10 -6.49 7.49
N LYS A 342 -25.28 -5.62 6.92
CA LYS A 342 -23.92 -5.45 7.37
C LYS A 342 -23.55 -3.99 7.21
N ASP A 343 -22.95 -3.41 8.26
CA ASP A 343 -22.69 -1.98 8.36
C ASP A 343 -21.19 -1.74 8.15
N PHE A 344 -20.83 -1.07 7.06
CA PHE A 344 -19.43 -0.90 6.67
C PHE A 344 -18.96 0.54 6.83
N ALA A 345 -17.68 0.70 7.19
CA ALA A 345 -17.02 2.00 7.18
C ALA A 345 -15.67 1.90 6.50
N MET A 346 -15.29 2.98 5.82
CA MET A 346 -13.97 3.06 5.21
C MET A 346 -12.89 3.02 6.28
N GLU A 347 -11.83 2.28 6.00
CA GLU A 347 -10.73 2.10 6.94
C GLU A 347 -10.09 3.43 7.34
N SER B 14 5.85 -3.73 27.33
CA SER B 14 4.79 -4.70 27.56
C SER B 14 3.54 -4.34 26.79
N GLU B 15 3.19 -3.06 26.87
CA GLU B 15 2.16 -2.53 25.98
C GLU B 15 2.60 -2.67 24.53
N ARG B 16 3.88 -2.39 24.25
CA ARG B 16 4.42 -2.52 22.90
C ARG B 16 4.50 -3.98 22.48
N ASP B 17 5.14 -4.82 23.30
CA ASP B 17 5.27 -6.23 22.98
C ASP B 17 3.92 -6.84 22.68
N GLN B 18 2.90 -6.49 23.47
CA GLN B 18 1.58 -7.07 23.26
C GLN B 18 0.97 -6.56 21.96
N LEU B 19 1.13 -5.27 21.67
CA LEU B 19 0.67 -4.75 20.37
C LEU B 19 1.46 -5.34 19.21
N TYR B 20 2.75 -5.58 19.39
CA TYR B 20 3.56 -6.15 18.32
C TYR B 20 3.20 -7.61 18.05
N TYR B 21 2.95 -8.40 19.10
CA TYR B 21 2.60 -9.81 18.88
C TYR B 21 1.27 -9.93 18.14
N GLU B 22 0.25 -9.18 18.57
CA GLU B 22 -1.06 -9.38 17.96
C GLU B 22 -1.18 -8.78 16.57
N SER B 23 -0.15 -8.07 16.09
CA SER B 23 -0.07 -7.79 14.66
C SER B 23 0.11 -9.06 13.84
N TYR B 24 0.57 -10.15 14.47
CA TYR B 24 0.77 -11.43 13.81
C TYR B 24 -0.38 -12.40 14.06
N SER B 25 -1.49 -11.93 14.62
CA SER B 25 -2.67 -12.74 14.79
C SER B 25 -3.58 -12.69 13.57
N ASP B 26 -3.19 -11.97 12.52
CA ASP B 26 -3.98 -11.88 11.31
C ASP B 26 -3.35 -12.75 10.22
N VAL B 27 -4.20 -13.24 9.30
CA VAL B 27 -3.73 -14.17 8.27
C VAL B 27 -2.79 -13.49 7.29
N SER B 28 -2.94 -12.20 7.05
CA SER B 28 -2.32 -11.59 5.87
C SER B 28 -0.80 -11.60 5.97
N VAL B 29 -0.25 -11.42 7.17
CA VAL B 29 1.20 -11.40 7.22
C VAL B 29 1.77 -12.82 7.13
N HIS B 30 1.08 -13.84 7.67
CA HIS B 30 1.60 -15.21 7.47
C HIS B 30 1.42 -15.67 6.03
N GLU B 31 0.32 -15.27 5.40
CA GLU B 31 0.13 -15.51 3.96
C GLU B 31 1.26 -14.90 3.15
N GLU B 32 1.58 -13.62 3.38
CA GLU B 32 2.65 -13.01 2.61
C GLU B 32 3.97 -13.75 2.82
N MET B 33 4.29 -14.14 4.05
CA MET B 33 5.54 -14.85 4.30
C MET B 33 5.58 -16.18 3.54
N ILE B 34 4.56 -17.04 3.73
CA ILE B 34 4.61 -18.31 3.01
C ILE B 34 4.43 -18.13 1.50
N ALA B 35 3.76 -17.06 1.05
CA ALA B 35 3.61 -16.85 -0.39
C ALA B 35 4.91 -16.37 -1.03
N ASP B 36 5.82 -15.83 -0.25
CA ASP B 36 7.15 -15.52 -0.74
C ASP B 36 7.88 -16.84 -0.96
N GLN B 37 7.95 -17.29 -2.22
CA GLN B 37 8.51 -18.62 -2.50
C GLN B 37 10.03 -18.65 -2.40
N VAL B 38 10.69 -17.52 -2.68
CA VAL B 38 12.13 -17.47 -2.50
C VAL B 38 12.47 -17.71 -1.03
N ARG B 39 11.75 -17.03 -0.13
CA ARG B 39 11.98 -17.21 1.29
C ARG B 39 11.63 -18.62 1.73
N THR B 40 10.41 -19.05 1.41
CA THR B 40 9.93 -20.28 1.97
C THR B 40 10.71 -21.47 1.41
N GLU B 41 11.02 -21.46 0.12
CA GLU B 41 11.86 -22.54 -0.41
C GLU B 41 13.26 -22.51 0.19
N ALA B 42 13.80 -21.31 0.42
CA ALA B 42 15.14 -21.23 0.98
C ALA B 42 15.18 -21.83 2.38
N TYR B 43 14.15 -21.53 3.19
CA TYR B 43 14.09 -22.11 4.52
C TYR B 43 13.85 -23.63 4.44
N ARG B 44 12.94 -24.05 3.56
CA ARG B 44 12.67 -25.48 3.44
C ARG B 44 13.96 -26.24 3.09
N LEU B 45 14.66 -25.79 2.05
CA LEU B 45 15.91 -26.43 1.67
C LEU B 45 16.95 -26.29 2.76
N GLY B 46 17.09 -25.09 3.34
CA GLY B 46 18.08 -24.90 4.38
C GLY B 46 17.89 -25.82 5.57
N ILE B 47 16.64 -26.16 5.87
CA ILE B 47 16.39 -27.11 6.94
C ILE B 47 16.64 -28.52 6.47
N LEU B 48 15.99 -28.93 5.38
CA LEU B 48 16.13 -30.31 4.91
C LEU B 48 17.57 -30.68 4.64
N LYS B 49 18.40 -29.71 4.20
CA LYS B 49 19.77 -30.03 3.85
C LYS B 49 20.61 -30.29 5.07
N ASN B 50 20.12 -29.89 6.24
CA ASN B 50 20.74 -30.19 7.51
C ASN B 50 20.20 -31.46 8.14
N TRP B 51 19.71 -32.40 7.32
CA TRP B 51 19.12 -33.61 7.88
C TRP B 51 20.13 -34.36 8.76
N ALA B 52 21.39 -34.41 8.33
CA ALA B 52 22.41 -35.13 9.11
C ALA B 52 22.56 -34.56 10.52
N ALA B 53 22.57 -33.22 10.65
CA ALA B 53 22.78 -32.57 11.94
C ALA B 53 21.50 -32.43 12.76
N LEU B 54 20.34 -32.47 12.12
CA LEU B 54 19.07 -32.43 12.84
C LEU B 54 18.54 -33.80 13.21
N ARG B 55 19.04 -34.86 12.58
CA ARG B 55 18.42 -36.18 12.69
C ARG B 55 18.52 -36.69 14.11
N GLY B 56 17.37 -36.98 14.72
CA GLY B 56 17.38 -37.45 16.10
C GLY B 56 17.54 -36.37 17.14
N LYS B 57 17.59 -35.10 16.74
CA LYS B 57 17.88 -33.99 17.64
C LYS B 57 16.62 -33.20 17.99
N THR B 58 16.74 -32.34 19.00
CA THR B 58 15.64 -31.49 19.42
C THR B 58 15.84 -30.06 18.92
N VAL B 59 14.72 -29.39 18.63
CA VAL B 59 14.70 -28.11 17.93
C VAL B 59 13.72 -27.17 18.62
N LEU B 60 14.08 -25.88 18.66
CA LEU B 60 13.20 -24.80 19.10
C LEU B 60 12.96 -23.86 17.92
N ASP B 61 11.71 -23.76 17.50
CA ASP B 61 11.28 -22.81 16.48
C ASP B 61 10.86 -21.54 17.20
N VAL B 62 11.68 -20.50 17.08
CA VAL B 62 11.38 -19.22 17.72
C VAL B 62 10.42 -18.44 16.82
N GLY B 63 9.23 -18.15 17.35
CA GLY B 63 8.20 -17.53 16.55
C GLY B 63 7.68 -18.39 15.41
N ALA B 64 7.20 -19.58 15.77
CA ALA B 64 6.81 -20.58 14.79
C ALA B 64 5.61 -20.18 13.93
N GLY B 65 4.82 -19.19 14.32
CA GLY B 65 3.74 -18.72 13.46
C GLY B 65 2.69 -19.79 13.18
N THR B 66 2.48 -20.10 11.90
CA THR B 66 1.63 -21.22 11.54
C THR B 66 2.30 -22.57 11.76
N GLY B 67 3.58 -22.58 12.13
CA GLY B 67 4.27 -23.83 12.41
C GLY B 67 4.90 -24.52 11.22
N ILE B 68 4.98 -23.87 10.05
CA ILE B 68 5.42 -24.64 8.89
C ILE B 68 6.92 -24.98 8.96
N LEU B 69 7.73 -24.10 9.55
CA LEU B 69 9.17 -24.38 9.66
C LEU B 69 9.44 -25.54 10.60
N SER B 70 8.67 -25.63 11.69
CA SER B 70 8.73 -26.75 12.62
C SER B 70 8.52 -28.08 11.90
N ILE B 71 7.60 -28.10 10.93
CA ILE B 71 7.24 -29.35 10.26
C ILE B 71 8.30 -29.79 9.25
N PHE B 72 8.95 -28.81 8.60
CA PHE B 72 10.17 -29.07 7.83
C PHE B 72 11.25 -29.66 8.73
N CYS B 73 11.35 -29.18 9.97
CA CYS B 73 12.34 -29.73 10.89
C CYS B 73 12.04 -31.19 11.17
N ALA B 74 10.75 -31.51 11.36
CA ALA B 74 10.34 -32.89 11.53
C ALA B 74 10.64 -33.70 10.29
N GLN B 75 10.48 -33.10 9.11
CA GLN B 75 10.79 -33.83 7.89
C GLN B 75 12.27 -34.12 7.78
N ALA B 76 13.11 -33.26 8.37
CA ALA B 76 14.54 -33.46 8.37
C ALA B 76 14.98 -34.53 9.34
N GLY B 77 14.04 -35.09 10.10
CA GLY B 77 14.33 -36.16 11.05
C GLY B 77 14.56 -35.72 12.49
N ALA B 78 14.24 -34.48 12.85
CA ALA B 78 14.25 -34.10 14.26
C ALA B 78 13.36 -35.04 15.05
N ARG B 79 13.80 -35.40 16.26
CA ARG B 79 12.98 -36.24 17.12
C ARG B 79 11.94 -35.44 17.89
N ARG B 80 12.17 -34.15 18.06
CA ARG B 80 11.24 -33.30 18.77
C ARG B 80 11.49 -31.89 18.29
N VAL B 81 10.40 -31.14 18.08
CA VAL B 81 10.44 -29.72 17.82
C VAL B 81 9.50 -29.03 18.79
N TYR B 82 9.99 -27.96 19.43
CA TYR B 82 9.17 -27.12 20.29
C TYR B 82 8.86 -25.82 19.54
N ALA B 83 7.60 -25.63 19.20
CA ALA B 83 7.18 -24.49 18.38
C ALA B 83 6.59 -23.43 19.30
N VAL B 84 7.35 -22.36 19.53
CA VAL B 84 6.99 -21.33 20.48
C VAL B 84 6.52 -20.10 19.72
N GLU B 85 5.32 -19.65 20.03
CA GLU B 85 4.65 -18.60 19.28
C GLU B 85 3.87 -17.72 20.26
N ALA B 86 4.13 -16.42 20.21
CA ALA B 86 3.56 -15.50 21.18
C ALA B 86 2.17 -15.00 20.81
N SER B 87 1.84 -14.89 19.54
CA SER B 87 0.55 -14.32 19.15
C SER B 87 -0.52 -15.41 18.99
N ALA B 88 -1.77 -14.97 18.81
CA ALA B 88 -2.92 -15.86 18.76
C ALA B 88 -2.82 -16.92 17.67
N ILE B 89 -1.95 -16.69 16.66
CA ILE B 89 -1.74 -17.63 15.55
C ILE B 89 -1.24 -18.98 16.03
N TRP B 90 -0.84 -19.09 17.30
CA TRP B 90 -0.38 -20.38 17.80
C TRP B 90 -1.49 -21.40 17.78
N GLN B 91 -2.74 -20.97 17.89
CA GLN B 91 -3.87 -21.88 17.81
C GLN B 91 -3.94 -22.52 16.42
N GLN B 92 -3.75 -21.72 15.37
CA GLN B 92 -3.69 -22.27 14.03
C GLN B 92 -2.60 -23.32 13.92
N ALA B 93 -1.43 -23.02 14.49
CA ALA B 93 -0.29 -23.92 14.37
C ALA B 93 -0.55 -25.24 15.06
N ARG B 94 -1.24 -25.22 16.21
CA ARG B 94 -1.62 -26.48 16.85
C ARG B 94 -2.47 -27.33 15.94
N GLU B 95 -3.39 -26.70 15.21
CA GLU B 95 -4.24 -27.46 14.29
C GLU B 95 -3.45 -27.93 13.08
N VAL B 96 -2.55 -27.09 12.56
CA VAL B 96 -1.69 -27.51 11.46
C VAL B 96 -0.88 -28.72 11.88
N VAL B 97 -0.25 -28.66 13.06
CA VAL B 97 0.53 -29.80 13.54
C VAL B 97 -0.35 -31.03 13.69
N ARG B 98 -1.51 -30.88 14.32
CA ARG B 98 -2.42 -32.01 14.46
C ARG B 98 -2.81 -32.56 13.09
N LEU B 99 -3.17 -31.68 12.18
CA LEU B 99 -3.63 -32.09 10.86
C LEU B 99 -2.56 -32.86 10.08
N ASN B 100 -1.28 -32.58 10.33
CA ASN B 100 -0.21 -33.28 9.62
C ASN B 100 0.26 -34.53 10.37
N GLY B 101 -0.41 -34.89 11.47
CA GLY B 101 -0.06 -36.07 12.20
C GLY B 101 1.18 -35.99 13.05
N LEU B 102 1.59 -34.80 13.49
CA LEU B 102 2.89 -34.66 14.15
C LEU B 102 2.78 -34.24 15.60
N GLU B 103 1.60 -34.35 16.19
CA GLU B 103 1.38 -33.86 17.55
C GLU B 103 2.24 -34.60 18.58
N ASP B 104 2.78 -35.76 18.23
CA ASP B 104 3.67 -36.48 19.12
C ASP B 104 5.10 -35.95 19.13
N ARG B 105 5.54 -35.26 18.05
CA ARG B 105 6.92 -34.79 17.90
C ARG B 105 7.06 -33.28 17.83
N VAL B 106 6.01 -32.55 17.43
CA VAL B 106 6.02 -31.10 17.32
C VAL B 106 5.03 -30.54 18.34
N HIS B 107 5.53 -29.77 19.29
CA HIS B 107 4.75 -29.32 20.45
C HIS B 107 4.60 -27.81 20.42
N VAL B 108 3.40 -27.33 20.13
CA VAL B 108 3.19 -25.90 20.08
C VAL B 108 3.02 -25.39 21.50
N LEU B 109 3.84 -24.43 21.90
CA LEU B 109 3.80 -23.80 23.22
C LEU B 109 3.50 -22.32 23.02
N PRO B 110 2.45 -21.77 23.62
CA PRO B 110 2.17 -20.34 23.43
C PRO B 110 2.95 -19.46 24.38
N GLY B 111 3.17 -18.22 23.95
CA GLY B 111 3.83 -17.22 24.75
C GLY B 111 5.12 -16.70 24.15
N PRO B 112 5.66 -15.67 24.76
CA PRO B 112 6.99 -15.19 24.35
C PRO B 112 8.05 -16.23 24.66
N VAL B 113 9.01 -16.37 23.74
CA VAL B 113 10.09 -17.29 23.98
C VAL B 113 10.90 -16.90 25.20
N GLU B 114 10.87 -15.62 25.57
CA GLU B 114 11.64 -15.16 26.72
C GLU B 114 11.22 -15.83 28.01
N THR B 115 9.92 -16.15 28.17
CA THR B 115 9.37 -16.66 29.42
C THR B 115 8.72 -18.03 29.30
N VAL B 116 8.70 -18.65 28.12
CA VAL B 116 8.16 -19.99 28.00
C VAL B 116 9.09 -20.96 28.75
N GLU B 117 8.52 -22.03 29.27
CA GLU B 117 9.31 -23.08 29.88
C GLU B 117 9.39 -24.25 28.91
N LEU B 118 10.56 -24.47 28.33
CA LEU B 118 10.78 -25.69 27.58
C LEU B 118 11.07 -26.84 28.55
N PRO B 119 10.72 -28.06 28.16
CA PRO B 119 11.10 -29.23 28.98
C PRO B 119 12.60 -29.44 29.03
N GLU B 120 13.36 -28.91 28.09
CA GLU B 120 14.78 -29.22 27.98
C GLU B 120 15.48 -28.17 27.14
N ARG B 121 16.79 -28.07 27.34
CA ARG B 121 17.63 -27.40 26.34
C ARG B 121 17.61 -28.21 25.04
N VAL B 122 17.81 -27.52 23.93
CA VAL B 122 17.62 -28.12 22.61
C VAL B 122 18.95 -28.12 21.87
N ASP B 123 19.01 -28.91 20.81
CA ASP B 123 20.19 -29.00 19.96
C ASP B 123 20.23 -27.95 18.86
N ALA B 124 19.09 -27.35 18.54
CA ALA B 124 19.04 -26.53 17.35
C ALA B 124 17.95 -25.50 17.52
N ILE B 125 18.20 -24.31 16.99
CA ILE B 125 17.18 -23.29 16.82
C ILE B 125 16.98 -23.05 15.34
N VAL B 126 15.72 -23.00 14.94
CA VAL B 126 15.29 -22.49 13.65
C VAL B 126 14.42 -21.28 13.94
N SER B 127 14.56 -20.25 13.12
CA SER B 127 13.68 -19.09 13.27
C SER B 127 13.77 -18.24 12.03
N GLU B 128 12.64 -17.66 11.64
CA GLU B 128 12.54 -16.63 10.62
C GLU B 128 12.19 -15.33 11.33
N TRP B 129 13.21 -14.52 11.59
CA TRP B 129 13.15 -13.36 12.47
C TRP B 129 13.45 -12.06 11.77
N MET B 130 13.84 -12.09 10.49
CA MET B 130 14.32 -10.90 9.81
C MET B 130 13.16 -9.99 9.39
N GLY B 131 13.34 -8.69 9.61
CA GLY B 131 12.46 -7.66 9.12
C GLY B 131 13.07 -6.84 8.01
N TYR B 132 12.35 -5.78 7.64
CA TYR B 132 12.86 -4.85 6.65
C TYR B 132 14.20 -4.28 7.13
N GLY B 133 15.14 -4.18 6.19
CA GLY B 133 16.46 -3.70 6.55
C GLY B 133 17.13 -4.60 7.56
N LEU B 134 16.82 -5.90 7.52
CA LEU B 134 17.24 -6.90 8.48
C LEU B 134 16.59 -6.70 9.85
N LEU B 135 16.82 -5.57 10.49
CA LEU B 135 16.59 -5.50 11.93
C LEU B 135 15.35 -4.74 12.33
N HIS B 136 14.56 -4.24 11.40
CA HIS B 136 13.30 -3.63 11.77
C HIS B 136 12.38 -4.69 12.36
N GLU B 137 11.64 -4.31 13.41
CA GLU B 137 10.89 -5.21 14.30
C GLU B 137 11.83 -5.93 15.26
N SER B 138 13.05 -6.19 14.81
CA SER B 138 14.19 -6.64 15.65
C SER B 138 13.82 -7.79 16.57
N MET B 139 13.18 -8.81 16.00
CA MET B 139 13.00 -10.10 16.64
C MET B 139 14.32 -10.83 16.92
N LEU B 140 15.46 -10.33 16.40
CA LEU B 140 16.75 -10.97 16.62
C LEU B 140 17.09 -11.11 18.10
N SER B 141 16.70 -10.12 18.93
CA SER B 141 17.01 -10.20 20.35
C SER B 141 16.27 -11.37 21.00
N SER B 142 15.05 -11.65 20.53
CA SER B 142 14.31 -12.81 21.00
C SER B 142 15.03 -14.10 20.65
N VAL B 143 15.48 -14.24 19.40
CA VAL B 143 16.23 -15.42 18.99
C VAL B 143 17.49 -15.59 19.84
N LEU B 144 18.23 -14.50 20.07
CA LEU B 144 19.48 -14.65 20.81
C LEU B 144 19.21 -14.89 22.29
N HIS B 145 18.10 -14.38 22.81
CA HIS B 145 17.68 -14.73 24.17
C HIS B 145 17.46 -16.23 24.31
N ALA B 146 16.78 -16.86 23.33
CA ALA B 146 16.52 -18.29 23.41
C ALA B 146 17.78 -19.11 23.21
N ARG B 147 18.70 -18.62 22.37
CA ARG B 147 20.01 -19.22 22.23
C ARG B 147 20.70 -19.33 23.59
N THR B 148 20.82 -18.21 24.31
CA THR B 148 21.55 -18.23 25.57
C THR B 148 20.88 -19.14 26.58
N LYS B 149 19.56 -19.12 26.60
CA LYS B 149 18.82 -19.79 27.66
C LYS B 149 18.58 -21.26 27.37
N TRP B 150 18.30 -21.61 26.11
CA TRP B 150 17.79 -22.94 25.78
C TRP B 150 18.61 -23.71 24.75
N LEU B 151 19.47 -23.05 23.98
CA LEU B 151 20.35 -23.79 23.10
C LEU B 151 21.52 -24.32 23.91
N LYS B 152 21.85 -25.57 23.61
CA LYS B 152 23.02 -26.23 24.22
C LYS B 152 24.29 -25.64 23.58
N GLU B 153 25.43 -25.83 24.23
CA GLU B 153 26.71 -25.23 23.78
C GLU B 153 27.08 -25.62 22.35
N GLY B 154 27.35 -24.62 21.50
CA GLY B 154 27.73 -24.86 20.09
C GLY B 154 26.61 -25.42 19.25
N GLY B 155 25.37 -25.23 19.69
CA GLY B 155 24.21 -25.79 19.00
C GLY B 155 23.94 -25.15 17.66
N LEU B 156 23.23 -25.88 16.81
CA LEU B 156 23.00 -25.37 15.47
C LEU B 156 21.98 -24.25 15.48
N LEU B 157 22.25 -23.19 14.72
CA LEU B 157 21.30 -22.10 14.48
C LEU B 157 20.98 -22.04 12.99
N LEU B 158 19.70 -21.91 12.68
CA LEU B 158 19.18 -21.98 11.32
C LEU B 158 18.28 -20.77 11.06
N PRO B 159 18.68 -19.81 10.20
CA PRO B 159 20.03 -19.74 9.64
C PRO B 159 21.08 -19.45 10.71
N ALA B 160 22.36 -19.63 10.34
CA ALA B 160 23.46 -19.42 11.28
C ALA B 160 23.92 -17.97 11.33
N SER B 161 23.86 -17.26 10.20
CA SER B 161 24.42 -15.91 10.13
C SER B 161 23.65 -15.04 9.13
N ALA B 162 23.77 -13.73 9.33
CA ALA B 162 23.23 -12.72 8.44
C ALA B 162 24.37 -11.82 7.97
N GLU B 163 24.39 -11.54 6.68
CA GLU B 163 25.36 -10.64 6.07
C GLU B 163 24.61 -9.42 5.55
N LEU B 164 25.14 -8.23 5.84
CA LEU B 164 24.57 -6.95 5.39
C LEU B 164 25.32 -6.40 4.19
N PHE B 165 24.58 -5.93 3.17
CA PHE B 165 25.18 -5.34 1.99
C PHE B 165 24.69 -3.92 1.75
N VAL B 166 25.54 -3.12 1.11
CA VAL B 166 25.19 -1.77 0.67
C VAL B 166 25.74 -1.59 -0.73
N ALA B 167 24.94 -0.95 -1.58
CA ALA B 167 25.35 -0.57 -2.90
C ALA B 167 24.78 0.81 -3.22
N PRO B 168 25.56 1.66 -3.88
CA PRO B 168 25.01 2.94 -4.33
C PRO B 168 24.11 2.70 -5.53
N ILE B 169 23.10 3.56 -5.68
CA ILE B 169 22.01 3.21 -6.59
C ILE B 169 21.64 4.41 -7.44
N SER B 170 21.17 4.11 -8.64
CA SER B 170 20.48 5.07 -9.51
C SER B 170 19.13 4.44 -9.77
N ASP B 171 18.12 4.88 -9.02
CA ASP B 171 16.81 4.22 -8.99
C ASP B 171 16.03 4.60 -10.25
N GLN B 172 15.74 3.62 -11.11
CA GLN B 172 15.05 3.93 -12.35
C GLN B 172 13.61 4.33 -12.08
N MET B 173 12.98 3.69 -11.09
CA MET B 173 11.63 4.05 -10.70
C MET B 173 11.56 5.52 -10.30
N LEU B 174 12.49 5.92 -9.42
CA LEU B 174 12.50 7.30 -8.93
C LEU B 174 12.72 8.28 -10.07
N GLU B 175 13.66 7.95 -10.98
CA GLU B 175 13.86 8.75 -12.20
C GLU B 175 12.56 8.92 -12.97
N TRP B 176 11.89 7.81 -13.29
CA TRP B 176 10.64 7.90 -14.02
C TRP B 176 9.63 8.81 -13.31
N ARG B 177 9.56 8.74 -11.98
CA ARG B 177 8.62 9.57 -11.23
C ARG B 177 9.03 11.04 -11.26
N LEU B 178 10.34 11.30 -11.17
CA LEU B 178 10.82 12.67 -11.27
C LEU B 178 10.55 13.23 -12.66
N GLY B 179 10.84 12.44 -13.70
CA GLY B 179 10.61 12.86 -15.07
C GLY B 179 9.18 12.79 -15.53
N PHE B 180 8.27 12.32 -14.69
CA PHE B 180 6.85 12.24 -15.09
C PHE B 180 6.31 13.61 -15.50
N TRP B 181 6.72 14.66 -14.77
CA TRP B 181 6.22 16.02 -14.99
C TRP B 181 6.72 16.62 -16.30
N SER B 182 7.91 16.24 -16.77
CA SER B 182 8.34 16.66 -18.10
C SER B 182 7.58 15.97 -19.22
N GLN B 183 6.82 14.92 -18.93
CA GLN B 183 6.06 14.21 -19.96
C GLN B 183 4.61 14.65 -20.08
N VAL B 184 4.07 15.36 -19.09
CA VAL B 184 2.63 15.69 -19.15
C VAL B 184 2.30 16.44 -20.43
N LYS B 185 3.23 17.24 -20.97
CA LYS B 185 2.98 17.97 -22.21
C LYS B 185 2.62 17.04 -23.37
N GLN B 186 3.40 15.97 -23.56
CA GLN B 186 3.12 14.98 -24.60
C GLN B 186 1.76 14.31 -24.42
N HIS B 187 1.31 14.13 -23.17
CA HIS B 187 0.08 13.41 -22.85
C HIS B 187 -1.17 14.27 -22.95
N TYR B 188 -1.10 15.54 -22.48
CA TYR B 188 -2.30 16.37 -22.36
C TYR B 188 -2.13 17.81 -22.84
N GLY B 189 -0.99 18.19 -23.41
CA GLY B 189 -0.82 19.53 -23.92
C GLY B 189 -0.45 20.57 -22.90
N VAL B 190 -0.23 20.18 -21.65
CA VAL B 190 0.08 21.13 -20.58
C VAL B 190 1.50 20.88 -20.12
N ASP B 191 2.32 21.93 -20.13
CA ASP B 191 3.70 21.80 -19.68
C ASP B 191 3.71 21.81 -18.16
N MET B 192 4.35 20.80 -17.56
CA MET B 192 4.48 20.76 -16.11
C MET B 192 5.91 20.46 -15.67
N SER B 193 6.90 20.67 -16.54
CA SER B 193 8.30 20.38 -16.19
C SER B 193 8.75 21.11 -14.91
N CYS B 194 8.14 22.24 -14.60
CA CYS B 194 8.58 23.03 -13.45
C CYS B 194 8.33 22.34 -12.11
N MET B 195 7.50 21.29 -12.09
CA MET B 195 7.24 20.52 -10.89
C MET B 195 8.42 19.64 -10.47
N GLU B 196 9.43 19.48 -11.33
CA GLU B 196 10.44 18.47 -11.10
C GLU B 196 11.15 18.67 -9.77
N SER B 197 11.59 19.90 -9.49
CA SER B 197 12.33 20.12 -8.26
C SER B 197 11.45 19.89 -7.03
N PHE B 198 10.17 20.24 -7.13
CA PHE B 198 9.24 19.97 -6.04
C PHE B 198 9.07 18.46 -5.83
N ALA B 199 8.88 17.72 -6.91
CA ALA B 199 8.88 16.26 -6.81
C ALA B 199 10.18 15.75 -6.17
N THR B 200 11.33 16.36 -6.49
CA THR B 200 12.59 15.94 -5.89
C THR B 200 12.58 16.13 -4.38
N ARG B 201 12.29 17.35 -3.93
CA ARG B 201 12.25 17.60 -2.49
C ARG B 201 11.30 16.63 -1.79
N CYS B 202 10.14 16.37 -2.39
CA CYS B 202 9.16 15.48 -1.75
C CYS B 202 9.69 14.05 -1.67
N LEU B 203 10.19 13.50 -2.79
CA LEU B 203 10.55 12.09 -2.82
C LEU B 203 11.94 11.80 -2.23
N MET B 204 12.87 12.76 -2.22
CA MET B 204 14.20 12.49 -1.67
C MET B 204 14.52 13.24 -0.39
N GLY B 205 13.89 14.39 -0.14
CA GLY B 205 14.25 15.25 0.98
C GLY B 205 13.86 14.76 2.36
N HIS B 206 13.03 13.72 2.45
CA HIS B 206 12.58 13.19 3.73
C HIS B 206 13.73 12.43 4.39
N SER B 207 13.42 11.77 5.52
CA SER B 207 14.38 11.02 6.31
C SER B 207 13.83 9.66 6.70
N GLU B 208 12.99 9.10 5.84
CA GLU B 208 12.42 7.78 6.03
C GLU B 208 13.22 6.76 5.22
N ILE B 209 13.43 5.58 5.79
CA ILE B 209 13.83 4.44 4.99
C ILE B 209 12.67 4.05 4.09
N VAL B 210 12.93 3.93 2.79
CA VAL B 210 11.91 3.54 1.83
C VAL B 210 12.14 2.09 1.46
N VAL B 211 11.09 1.29 1.52
CA VAL B 211 11.18 -0.13 1.23
C VAL B 211 10.65 -0.32 -0.19
N GLN B 212 11.55 -0.65 -1.11
CA GLN B 212 11.19 -0.73 -2.52
C GLN B 212 12.07 -1.76 -3.22
N ASP B 213 11.48 -2.41 -4.23
CA ASP B 213 12.15 -3.41 -5.07
C ASP B 213 12.97 -2.72 -6.15
N LEU B 214 14.29 -2.92 -6.11
CA LEU B 214 15.14 -2.50 -7.19
C LEU B 214 15.55 -3.72 -8.00
N SER B 215 16.22 -3.44 -9.13
CA SER B 215 16.77 -4.47 -9.99
C SER B 215 18.25 -4.17 -10.23
N GLY B 216 18.93 -5.09 -10.93
CA GLY B 216 20.35 -4.91 -11.18
C GLY B 216 20.66 -3.64 -11.95
N GLU B 217 19.72 -3.19 -12.78
CA GLU B 217 19.90 -1.93 -13.50
C GLU B 217 20.09 -0.74 -12.57
N ASP B 218 19.61 -0.82 -11.33
CA ASP B 218 19.67 0.30 -10.40
C ASP B 218 20.98 0.35 -9.63
N VAL B 219 21.79 -0.70 -9.70
CA VAL B 219 22.98 -0.82 -8.86
C VAL B 219 24.11 -0.05 -9.54
N LEU B 220 24.70 0.89 -8.82
CA LEU B 220 25.66 1.81 -9.39
C LEU B 220 27.10 1.42 -9.11
N ALA B 221 27.32 0.41 -8.28
CA ALA B 221 28.67 -0.07 -8.01
C ALA B 221 28.57 -1.45 -7.41
N ARG B 222 29.73 -2.08 -7.27
CA ARG B 222 29.80 -3.45 -6.76
C ARG B 222 29.32 -3.46 -5.32
N PRO B 223 28.35 -4.30 -4.98
CA PRO B 223 27.90 -4.37 -3.59
C PRO B 223 29.05 -4.67 -2.63
N GLN B 224 28.99 -4.01 -1.48
CA GLN B 224 29.96 -4.15 -0.41
C GLN B 224 29.28 -4.73 0.82
N ARG B 225 29.87 -5.79 1.36
CA ARG B 225 29.41 -6.32 2.64
C ARG B 225 30.00 -5.47 3.75
N PHE B 226 29.16 -4.85 4.57
CA PHE B 226 29.65 -3.97 5.61
C PHE B 226 29.42 -4.46 7.02
N ALA B 227 28.85 -5.66 7.21
CA ALA B 227 28.85 -6.35 8.50
C ALA B 227 28.38 -7.77 8.32
N GLN B 228 28.86 -8.67 9.20
CA GLN B 228 28.38 -10.05 9.32
C GLN B 228 27.99 -10.27 10.76
N LEU B 229 26.80 -10.86 10.98
CA LEU B 229 26.31 -11.21 12.30
C LEU B 229 26.21 -12.73 12.40
N GLU B 230 27.09 -13.33 13.23
CA GLU B 230 27.05 -14.76 13.49
C GLU B 230 26.15 -15.02 14.70
N LEU B 231 25.08 -15.79 14.50
CA LEU B 231 24.09 -15.92 15.57
C LEU B 231 24.65 -16.67 16.76
N ALA B 232 25.60 -17.59 16.52
CA ALA B 232 26.17 -18.43 17.55
C ALA B 232 27.21 -17.72 18.40
N ARG B 233 27.59 -16.48 18.06
CA ARG B 233 28.56 -15.71 18.82
C ARG B 233 27.91 -15.08 20.06
N ALA B 234 28.32 -15.52 21.24
CA ALA B 234 27.77 -14.98 22.48
C ALA B 234 28.00 -13.47 22.60
N GLY B 235 27.23 -12.84 23.49
CA GLY B 235 27.34 -11.41 23.71
C GLY B 235 26.96 -10.54 22.54
N LEU B 236 26.44 -11.13 21.45
CA LEU B 236 25.95 -10.36 20.30
C LEU B 236 24.71 -9.55 20.65
N GLU B 237 24.05 -9.80 21.78
CA GLU B 237 22.88 -9.02 22.17
C GLU B 237 23.27 -7.60 22.59
N GLN B 238 24.42 -7.47 23.27
CA GLN B 238 24.90 -6.17 23.68
C GLN B 238 25.20 -5.30 22.48
N GLU B 239 25.71 -5.91 21.42
CA GLU B 239 26.12 -5.13 20.27
C GLU B 239 24.92 -4.58 19.52
N LEU B 240 23.78 -5.27 19.58
CA LEU B 240 22.62 -4.87 18.78
C LEU B 240 22.05 -3.56 19.28
N GLU B 241 22.01 -3.39 20.59
CA GLU B 241 21.44 -2.17 21.15
C GLU B 241 22.27 -0.96 20.77
N ALA B 242 23.59 -1.10 20.78
CA ALA B 242 24.48 -0.01 20.43
C ALA B 242 24.56 0.22 18.92
N GLY B 243 24.12 -0.73 18.11
CA GLY B 243 24.22 -0.59 16.67
C GLY B 243 25.23 -1.52 16.05
N VAL B 244 24.84 -2.20 14.97
CA VAL B 244 25.76 -2.99 14.17
C VAL B 244 25.89 -2.28 12.83
N GLY B 245 26.94 -2.63 12.11
CA GLY B 245 27.20 -2.11 10.79
C GLY B 245 28.71 -1.99 10.56
N GLY B 246 29.11 -0.94 9.85
CA GLY B 246 30.51 -0.79 9.53
C GLY B 246 30.71 0.09 8.30
N ARG B 247 31.93 0.03 7.79
CA ARG B 247 32.39 0.95 6.77
C ARG B 247 32.36 0.26 5.41
N PHE B 248 32.40 1.08 4.36
CA PHE B 248 32.38 0.57 3.00
C PHE B 248 33.06 1.57 2.09
N ARG B 249 33.39 1.10 0.89
CA ARG B 249 34.04 1.89 -0.15
C ARG B 249 33.83 1.19 -1.48
N CYS B 250 33.55 1.95 -2.53
CA CYS B 250 33.29 1.34 -3.83
C CYS B 250 33.50 2.39 -4.92
N SER B 251 33.36 1.96 -6.17
CA SER B 251 33.67 2.77 -7.32
C SER B 251 32.60 2.59 -8.37
N CYS B 252 32.15 3.70 -8.96
CA CYS B 252 30.93 3.67 -9.76
C CYS B 252 31.15 2.99 -11.11
N TYR B 253 30.08 2.37 -11.61
CA TYR B 253 30.16 1.64 -12.88
C TYR B 253 30.22 2.61 -14.05
N GLY B 254 29.52 3.73 -13.96
CA GLY B 254 29.40 4.62 -15.09
C GLY B 254 28.78 5.95 -14.76
N SER B 255 28.19 6.59 -15.76
CA SER B 255 27.54 7.88 -15.57
C SER B 255 26.06 7.67 -15.26
N ALA B 256 25.62 8.31 -14.19
CA ALA B 256 24.23 8.23 -13.77
C ALA B 256 24.01 9.21 -12.62
N PRO B 257 22.78 9.65 -12.42
CA PRO B 257 22.47 10.36 -11.17
C PRO B 257 22.49 9.37 -10.01
N LEU B 258 23.33 9.65 -9.02
CA LEU B 258 23.38 8.89 -7.78
C LEU B 258 22.22 9.33 -6.88
N HIS B 259 21.34 8.40 -6.53
CA HIS B 259 20.20 8.73 -5.68
C HIS B 259 20.41 8.41 -4.22
N GLY B 260 21.29 7.47 -3.92
CA GLY B 260 21.59 7.10 -2.56
C GLY B 260 22.08 5.66 -2.53
N PHE B 261 21.63 4.93 -1.50
CA PHE B 261 22.10 3.59 -1.24
C PHE B 261 20.93 2.64 -0.97
N ALA B 262 21.01 1.43 -1.52
CA ALA B 262 20.17 0.33 -1.09
C ALA B 262 20.93 -0.50 -0.06
N VAL B 263 20.26 -0.85 1.03
CA VAL B 263 20.77 -1.78 2.02
C VAL B 263 19.95 -3.06 1.93
N TRP B 264 20.62 -4.21 1.92
CA TRP B 264 19.94 -5.49 1.99
C TRP B 264 20.82 -6.48 2.75
N PHE B 265 20.34 -7.72 2.83
CA PHE B 265 20.91 -8.71 3.71
C PHE B 265 20.76 -10.06 3.05
N GLN B 266 21.56 -11.03 3.50
CA GLN B 266 21.34 -12.43 3.19
C GLN B 266 21.46 -13.22 4.49
N VAL B 267 20.88 -14.41 4.52
CA VAL B 267 21.05 -15.32 5.64
C VAL B 267 21.61 -16.64 5.11
N THR B 268 22.51 -17.24 5.88
CA THR B 268 23.28 -18.40 5.43
C THR B 268 22.96 -19.60 6.29
N PHE B 269 22.51 -20.66 5.65
CA PHE B 269 22.30 -21.88 6.43
C PHE B 269 23.56 -22.74 6.41
N PRO B 270 23.90 -23.38 7.53
CA PRO B 270 25.04 -24.30 7.54
C PRO B 270 24.97 -25.29 6.39
N GLY B 271 26.14 -25.69 5.90
CA GLY B 271 26.19 -26.46 4.67
C GLY B 271 25.61 -27.86 4.80
N GLY B 272 25.97 -28.56 5.86
CA GLY B 272 25.56 -29.95 6.01
C GLY B 272 26.04 -30.86 4.89
N PRO B 277 26.60 -24.63 1.26
CA PRO B 277 25.94 -23.67 2.14
C PRO B 277 24.85 -22.90 1.42
N LEU B 278 23.66 -22.93 1.99
CA LEU B 278 22.50 -22.38 1.34
C LEU B 278 22.29 -20.95 1.81
N VAL B 279 22.12 -20.04 0.86
CA VAL B 279 22.02 -18.61 1.12
C VAL B 279 20.66 -18.12 0.66
N LEU B 280 19.95 -17.42 1.56
CA LEU B 280 18.72 -16.70 1.22
C LEU B 280 19.09 -15.22 1.07
N SER B 281 19.05 -14.71 -0.17
CA SER B 281 19.45 -13.35 -0.50
C SER B 281 18.26 -12.46 -0.84
N THR B 282 18.33 -11.20 -0.39
CA THR B 282 17.36 -10.17 -0.77
C THR B 282 17.99 -9.11 -1.67
N SER B 283 19.12 -9.42 -2.29
CA SER B 283 19.77 -8.51 -3.21
C SER B 283 18.85 -8.15 -4.37
N PRO B 284 18.92 -6.92 -4.88
CA PRO B 284 18.20 -6.62 -6.12
C PRO B 284 18.77 -7.36 -7.32
N LEU B 285 19.94 -7.99 -7.19
CA LEU B 285 20.47 -8.84 -8.24
C LEU B 285 19.97 -10.27 -8.17
N HIS B 286 19.25 -10.64 -7.12
CA HIS B 286 18.67 -11.96 -6.97
C HIS B 286 17.14 -11.88 -7.05
N PRO B 287 16.45 -13.00 -7.25
CA PRO B 287 14.98 -12.94 -7.37
C PRO B 287 14.36 -12.24 -6.17
N ALA B 288 13.24 -11.56 -6.41
CA ALA B 288 12.65 -10.69 -5.41
C ALA B 288 12.10 -11.47 -4.22
N THR B 289 12.09 -10.83 -3.04
CA THR B 289 11.48 -11.34 -1.83
C THR B 289 10.55 -10.28 -1.26
N HIS B 290 9.72 -10.66 -0.28
CA HIS B 290 8.85 -9.66 0.33
C HIS B 290 9.64 -8.59 1.08
N TRP B 291 10.90 -8.85 1.45
CA TRP B 291 11.72 -7.82 2.09
C TRP B 291 12.12 -6.70 1.12
N LYS B 292 12.14 -6.96 -0.18
CA LYS B 292 12.67 -5.98 -1.12
C LYS B 292 14.04 -5.48 -0.64
N GLN B 293 14.30 -4.17 -0.73
CA GLN B 293 15.49 -3.55 -0.19
C GLN B 293 15.10 -2.29 0.58
N ALA B 294 16.08 -1.78 1.33
CA ALA B 294 15.88 -0.62 2.19
C ALA B 294 16.66 0.54 1.58
N LEU B 295 15.93 1.54 1.07
CA LEU B 295 16.54 2.60 0.26
C LEU B 295 16.80 3.84 1.12
N LEU B 296 18.00 4.38 1.00
CA LEU B 296 18.43 5.58 1.72
C LEU B 296 18.71 6.62 0.64
N TYR B 297 17.74 7.52 0.42
CA TYR B 297 17.84 8.54 -0.60
C TYR B 297 18.66 9.71 -0.10
N LEU B 298 19.55 10.23 -0.94
CA LEU B 298 20.13 11.52 -0.61
C LEU B 298 19.09 12.61 -0.84
N ASN B 299 19.36 13.81 -0.31
CA ASN B 299 18.39 14.90 -0.44
C ASN B 299 18.09 15.18 -1.90
N GLU B 300 19.11 15.14 -2.76
CA GLU B 300 18.94 15.41 -4.18
C GLU B 300 19.92 14.56 -4.97
N PRO B 301 19.64 14.33 -6.26
CA PRO B 301 20.55 13.49 -7.06
C PRO B 301 21.90 14.15 -7.26
N VAL B 302 22.94 13.34 -7.24
CA VAL B 302 24.33 13.79 -7.28
C VAL B 302 25.00 13.12 -8.47
N PRO B 303 25.36 13.86 -9.52
CA PRO B 303 25.95 13.23 -10.70
C PRO B 303 27.27 12.54 -10.36
N VAL B 304 27.46 11.36 -10.95
CA VAL B 304 28.66 10.56 -10.82
C VAL B 304 28.98 9.95 -12.18
N GLU B 305 30.23 9.51 -12.34
CA GLU B 305 30.68 8.88 -13.57
C GLU B 305 31.54 7.66 -13.22
N GLN B 306 32.02 6.98 -14.25
CA GLN B 306 32.84 5.79 -14.07
C GLN B 306 34.02 6.10 -13.15
N ASP B 307 34.21 5.21 -12.17
CA ASP B 307 35.29 5.22 -11.20
C ASP B 307 35.19 6.34 -10.16
N THR B 308 34.06 7.03 -10.10
CA THR B 308 33.80 7.91 -8.96
C THR B 308 33.87 7.12 -7.66
N ASP B 309 34.63 7.63 -6.70
CA ASP B 309 34.85 6.89 -5.47
C ASP B 309 33.83 7.32 -4.42
N ILE B 310 33.08 6.35 -3.90
CA ILE B 310 32.13 6.58 -2.83
C ILE B 310 32.56 5.74 -1.64
N SER B 311 32.68 6.38 -0.49
CA SER B 311 32.93 5.65 0.75
C SER B 311 31.95 6.09 1.84
N GLY B 312 31.83 5.30 2.89
CA GLY B 312 31.06 5.75 4.02
C GLY B 312 30.88 4.66 5.06
N GLU B 313 29.96 4.94 5.98
CA GLU B 313 29.65 4.07 7.10
C GLU B 313 28.14 4.02 7.27
N ILE B 314 27.63 2.83 7.55
CA ILE B 314 26.22 2.62 7.77
C ILE B 314 26.04 1.90 9.10
N THR B 315 25.14 2.40 9.95
CA THR B 315 24.88 1.81 11.26
C THR B 315 23.40 1.59 11.45
N LEU B 316 23.02 0.36 11.80
CA LEU B 316 21.63 -0.03 12.05
C LEU B 316 21.39 -0.05 13.56
N LEU B 317 20.54 0.87 14.05
CA LEU B 317 20.23 1.10 15.46
C LEU B 317 18.73 1.03 15.71
N PRO B 318 18.33 0.64 16.92
CA PRO B 318 16.92 0.84 17.30
C PRO B 318 16.67 2.30 17.54
N SER B 319 15.47 2.74 17.16
CA SER B 319 15.09 4.13 17.36
C SER B 319 14.98 4.46 18.85
N PRO B 320 15.29 5.71 19.23
CA PRO B 320 15.08 6.13 20.63
C PRO B 320 13.63 5.97 21.08
N ASP B 321 12.70 6.44 20.26
CA ASP B 321 11.28 6.45 20.61
C ASP B 321 10.70 5.04 20.65
N ASN B 322 11.29 4.10 19.91
CA ASN B 322 10.71 2.77 19.77
C ASN B 322 11.81 1.73 19.56
N PRO B 323 12.01 0.83 20.52
CA PRO B 323 13.10 -0.17 20.39
C PRO B 323 12.86 -1.19 19.29
N ARG B 324 11.66 -1.30 18.72
CA ARG B 324 11.46 -2.20 17.60
C ARG B 324 11.51 -1.50 16.25
N ARG B 325 11.78 -0.19 16.22
CA ARG B 325 11.78 0.59 15.00
C ARG B 325 13.21 0.78 14.52
N LEU B 326 13.46 0.47 13.24
CA LEU B 326 14.81 0.51 12.70
C LEU B 326 15.20 1.94 12.34
N ARG B 327 16.41 2.30 12.74
CA ARG B 327 17.04 3.57 12.45
C ARG B 327 18.38 3.27 11.78
N ILE B 328 18.78 4.12 10.84
CA ILE B 328 20.01 3.89 10.09
C ILE B 328 20.74 5.22 9.98
N LEU B 329 21.96 5.26 10.52
CA LEU B 329 22.86 6.41 10.43
C LEU B 329 23.76 6.22 9.21
N LEU B 330 23.61 7.08 8.21
CA LEU B 330 24.41 7.02 7.00
C LEU B 330 25.44 8.14 7.00
N ARG B 331 26.70 7.78 6.82
CA ARG B 331 27.78 8.72 6.56
C ARG B 331 28.32 8.38 5.18
N TYR B 332 28.48 9.38 4.33
CA TYR B 332 28.96 9.07 2.99
C TYR B 332 29.84 10.20 2.47
N LYS B 333 30.51 9.91 1.37
CA LYS B 333 31.41 10.85 0.72
C LYS B 333 31.54 10.44 -0.74
N VAL B 334 30.99 11.26 -1.63
CA VAL B 334 31.04 11.04 -3.08
C VAL B 334 32.20 11.86 -3.64
N GLY B 335 33.10 11.20 -4.37
CA GLY B 335 34.26 11.86 -4.95
C GLY B 335 35.00 12.82 -4.02
N ASP B 336 34.94 14.13 -4.33
CA ASP B 336 35.47 15.15 -3.45
C ASP B 336 34.39 16.13 -3.00
N HIS B 337 33.15 15.65 -2.87
CA HIS B 337 32.00 16.54 -2.61
C HIS B 337 31.71 16.73 -1.12
N GLU B 338 32.69 16.54 -0.23
CA GLU B 338 32.54 16.75 1.23
C GLU B 338 31.71 15.65 1.90
N GLU B 339 32.19 15.18 3.06
CA GLU B 339 31.49 14.09 3.79
C GLU B 339 30.16 14.57 4.36
N LYS B 340 29.07 13.89 4.01
CA LYS B 340 27.77 14.21 4.54
C LYS B 340 27.23 13.06 5.40
N THR B 341 26.26 13.37 6.24
CA THR B 341 25.54 12.36 6.99
C THR B 341 24.04 12.54 6.81
N LYS B 342 23.30 11.46 7.03
CA LYS B 342 21.85 11.45 6.99
C LYS B 342 21.34 10.40 7.97
N ASP B 343 20.29 10.78 8.70
CA ASP B 343 19.70 9.97 9.75
C ASP B 343 18.35 9.48 9.24
N PHE B 344 18.19 8.15 9.16
CA PHE B 344 16.99 7.53 8.61
C PHE B 344 16.27 6.70 9.67
N ALA B 345 14.95 6.69 9.59
CA ALA B 345 14.15 5.82 10.43
C ALA B 345 13.06 5.19 9.57
N MET B 346 12.67 3.97 9.91
CA MET B 346 11.62 3.29 9.15
C MET B 346 10.25 3.93 9.42
N GLU B 347 9.42 3.99 8.37
CA GLU B 347 8.09 4.63 8.46
C GLU B 347 7.21 4.06 9.56
#